data_5VFX
#
_entry.id   5VFX
#
_cell.length_a   69.503
_cell.length_b   109.894
_cell.length_c   122.780
_cell.angle_alpha   90.000
_cell.angle_beta   93.020
_cell.angle_gamma   90.000
#
_symmetry.space_group_name_H-M   'P 1 21 1'
#
loop_
_entity.id
_entity.type
_entity.pdbx_description
1 polymer TcpK
2 polymer oriT
3 polymer oriT
4 water water
#
loop_
_entity_poly.entity_id
_entity_poly.type
_entity_poly.pdbx_seq_one_letter_code
_entity_poly.pdbx_strand_id
1 'polypeptide(L)'
;QNSHMVKDLNLYAKELVDVVNYLMKKNQLVFSRNNKFIYVNTETIKSMLEKRNYDTVDGKLYLWRELEWIECAEDRFNKR
IKIDGENMYAVVIKYSSYSILKRLYLE
;
A,B,C,D,E,F,G,H
2 'polydeoxyribonucleotide'
;(DA)(DA)(DG)(DG)(DA)(DA)(DC)(DT)(DT)(DT)(DA)(DC)(DA)(DG)(DG)(DG)(DA)(DA)(DC)(DT)
(DT)(DT)(DA)
;
I,K,N,O
3 'polydeoxyribonucleotide'
;(DT)(DA)(DA)(DA)(DG)(DT)(DT)(DC)(DC)(DC)(DT)(DG)(DT)(DA)(DA)(DA)(DG)(DT)(DT)(DC)
(DC)(DT)(DT)
;
J,L,M,P
#
loop_
_chem_comp.id
_chem_comp.type
_chem_comp.name
_chem_comp.formula
DA DNA linking 2'-DEOXYADENOSINE-5'-MONOPHOSPHATE 'C10 H14 N5 O6 P'
DC DNA linking 2'-DEOXYCYTIDINE-5'-MONOPHOSPHATE 'C9 H14 N3 O7 P'
DG DNA linking 2'-DEOXYGUANOSINE-5'-MONOPHOSPHATE 'C10 H14 N5 O7 P'
DT DNA linking THYMIDINE-5'-MONOPHOSPHATE 'C10 H15 N2 O8 P'
#
# COMPACT_ATOMS: atom_id res chain seq x y z
N LYS A 7 7.17 29.50 -37.29
CA LYS A 7 6.13 28.82 -38.04
C LYS A 7 6.48 28.62 -39.53
N ASP A 8 6.73 29.71 -40.29
CA ASP A 8 7.02 29.71 -41.75
C ASP A 8 8.26 28.90 -42.12
N LEU A 9 8.01 27.83 -42.85
CA LEU A 9 8.95 26.80 -43.31
C LEU A 9 9.88 27.28 -44.43
N ASN A 10 9.45 28.23 -45.25
CA ASN A 10 10.27 28.78 -46.32
C ASN A 10 11.52 29.44 -45.77
N LEU A 11 11.44 30.02 -44.57
CA LEU A 11 12.57 30.68 -43.93
C LEU A 11 13.74 29.72 -43.78
N TYR A 12 13.46 28.51 -43.31
CA TYR A 12 14.40 27.44 -43.06
C TYR A 12 14.94 26.84 -44.34
N ALA A 13 14.06 26.63 -45.35
CA ALA A 13 14.40 26.07 -46.67
C ALA A 13 15.25 27.04 -47.45
N LYS A 14 14.86 28.33 -47.47
CA LYS A 14 15.60 29.38 -48.20
C LYS A 14 17.00 29.49 -47.63
N GLU A 15 17.14 29.44 -46.28
CA GLU A 15 18.45 29.49 -45.63
C GLU A 15 19.35 28.33 -46.04
N LEU A 16 18.81 27.08 -46.05
CA LEU A 16 19.59 25.91 -46.45
C LEU A 16 20.14 26.09 -47.87
N VAL A 17 19.30 26.55 -48.82
CA VAL A 17 19.71 26.77 -50.21
C VAL A 17 20.74 27.90 -50.28
N ASP A 18 20.47 29.03 -49.59
CA ASP A 18 21.36 30.20 -49.55
C ASP A 18 22.74 29.88 -49.00
N VAL A 19 22.79 29.11 -47.87
CA VAL A 19 24.03 28.68 -47.23
C VAL A 19 24.87 27.85 -48.20
N VAL A 20 24.25 26.87 -48.89
CA VAL A 20 24.94 25.98 -49.83
C VAL A 20 25.39 26.77 -51.04
N ASN A 21 24.57 27.72 -51.53
CA ASN A 21 24.90 28.57 -52.68
C ASN A 21 26.11 29.45 -52.36
N TYR A 22 26.12 30.09 -51.16
CA TYR A 22 27.19 30.96 -50.68
C TYR A 22 28.54 30.22 -50.62
N LEU A 23 28.58 29.08 -49.92
CA LEU A 23 29.79 28.28 -49.75
C LEU A 23 30.23 27.61 -51.05
N MET A 24 29.30 27.41 -51.99
CA MET A 24 29.64 26.82 -53.28
C MET A 24 30.45 27.83 -54.10
N LYS A 25 30.00 29.12 -54.12
CA LYS A 25 30.66 30.24 -54.79
C LYS A 25 32.07 30.43 -54.16
N LYS A 26 32.12 30.58 -52.82
CA LYS A 26 33.37 30.76 -52.05
C LYS A 26 34.23 29.44 -51.95
N ASN A 27 34.01 28.48 -52.92
CA ASN A 27 34.66 27.16 -53.05
C ASN A 27 35.07 26.57 -51.69
N GLN A 28 34.13 26.65 -50.72
CA GLN A 28 34.23 26.28 -49.32
C GLN A 28 33.31 25.08 -48.93
N LEU A 29 33.00 24.19 -49.91
CA LEU A 29 32.17 23.01 -49.68
C LEU A 29 32.78 21.78 -50.38
N VAL A 30 32.71 20.63 -49.68
CA VAL A 30 33.29 19.33 -50.03
C VAL A 30 32.14 18.32 -50.24
N PHE A 31 32.30 17.38 -51.16
CA PHE A 31 31.28 16.36 -51.41
C PHE A 31 31.67 14.96 -50.96
N SER A 32 30.66 14.10 -50.71
CA SER A 32 30.86 12.71 -50.33
C SER A 32 31.36 12.00 -51.62
N ARG A 33 31.88 10.78 -51.50
CA ARG A 33 32.40 9.99 -52.63
C ARG A 33 31.34 9.80 -53.71
N ASN A 34 30.09 9.49 -53.31
CA ASN A 34 28.92 9.29 -54.19
C ASN A 34 28.23 10.58 -54.65
N ASN A 35 28.71 11.75 -54.16
CA ASN A 35 28.19 13.09 -54.45
C ASN A 35 26.72 13.28 -53.97
N LYS A 36 26.25 12.40 -53.05
CA LYS A 36 24.90 12.45 -52.50
C LYS A 36 24.79 13.39 -51.26
N PHE A 37 25.95 13.80 -50.73
CA PHE A 37 26.07 14.62 -49.52
C PHE A 37 27.10 15.72 -49.62
N ILE A 38 26.83 16.82 -48.89
CA ILE A 38 27.68 18.01 -48.82
C ILE A 38 28.24 18.12 -47.40
N TYR A 39 29.56 18.21 -47.27
CA TYR A 39 30.19 18.39 -45.96
C TYR A 39 30.53 19.87 -45.77
N VAL A 40 30.05 20.43 -44.66
CA VAL A 40 30.27 21.83 -44.28
C VAL A 40 30.84 21.85 -42.86
N ASN A 41 31.78 22.77 -42.57
CA ASN A 41 32.38 22.87 -41.24
C ASN A 41 31.32 23.33 -40.25
N THR A 42 31.27 22.68 -39.08
CA THR A 42 30.27 22.96 -38.04
C THR A 42 30.27 24.41 -37.60
N GLU A 43 31.44 25.02 -37.46
CA GLU A 43 31.59 26.41 -37.02
C GLU A 43 31.14 27.40 -38.08
N THR A 44 31.53 27.17 -39.36
CA THR A 44 31.14 28.04 -40.48
C THR A 44 29.62 28.11 -40.59
N ILE A 45 28.94 26.94 -40.60
CA ILE A 45 27.49 26.85 -40.72
C ILE A 45 26.79 27.51 -39.51
N LYS A 46 27.29 27.27 -38.29
CA LYS A 46 26.71 27.88 -37.09
C LYS A 46 26.92 29.38 -37.05
N SER A 47 27.98 29.89 -37.68
CA SER A 47 28.23 31.34 -37.75
C SER A 47 27.23 31.99 -38.72
N MET A 48 27.02 31.36 -39.90
CA MET A 48 26.11 31.83 -40.94
C MET A 48 24.66 31.79 -40.49
N LEU A 49 24.30 30.82 -39.64
CA LEU A 49 22.93 30.68 -39.11
C LEU A 49 22.62 31.70 -38.01
N GLU A 50 23.65 32.42 -37.48
CA GLU A 50 23.48 33.44 -36.45
C GLU A 50 22.82 34.70 -36.99
N LYS A 51 23.11 35.05 -38.28
CA LYS A 51 22.65 36.26 -38.98
C LYS A 51 21.11 36.47 -38.97
N ARG A 52 20.33 35.63 -39.68
CA ARG A 52 18.86 35.72 -39.75
C ARG A 52 18.21 35.33 -38.42
N ASN A 53 17.64 36.32 -37.73
CA ASN A 53 17.08 36.16 -36.40
C ASN A 53 15.62 35.62 -36.33
N TYR A 54 15.14 34.85 -37.34
CA TYR A 54 13.79 34.27 -37.27
C TYR A 54 13.72 33.11 -36.24
N ASP A 55 14.87 32.46 -36.00
CA ASP A 55 15.06 31.39 -35.03
C ASP A 55 16.54 31.33 -34.62
N THR A 56 16.85 30.61 -33.52
CA THR A 56 18.20 30.40 -33.00
C THR A 56 18.94 29.40 -33.88
N VAL A 57 20.27 29.34 -33.79
CA VAL A 57 21.06 28.40 -34.58
C VAL A 57 20.62 26.96 -34.26
N ASP A 58 20.47 26.63 -32.97
CA ASP A 58 20.02 25.31 -32.52
C ASP A 58 18.57 24.99 -32.93
N GLY A 59 17.72 26.01 -33.00
CA GLY A 59 16.34 25.87 -33.46
C GLY A 59 16.26 25.49 -34.94
N LYS A 60 17.12 26.13 -35.76
CA LYS A 60 17.23 25.88 -37.20
C LYS A 60 17.77 24.46 -37.47
N LEU A 61 18.82 24.06 -36.74
CA LEU A 61 19.43 22.74 -36.88
C LEU A 61 18.55 21.61 -36.39
N TYR A 62 17.66 21.87 -35.41
CA TYR A 62 16.72 20.88 -34.89
C TYR A 62 15.69 20.55 -35.98
N LEU A 63 15.15 21.59 -36.64
CA LEU A 63 14.17 21.44 -37.70
C LEU A 63 14.78 20.78 -38.92
N TRP A 64 16.02 21.14 -39.28
CA TRP A 64 16.75 20.55 -40.42
C TRP A 64 16.94 19.08 -40.17
N ARG A 65 17.30 18.69 -38.93
CA ARG A 65 17.52 17.30 -38.51
C ARG A 65 16.24 16.49 -38.55
N GLU A 66 15.16 17.01 -37.94
CA GLU A 66 13.82 16.40 -37.84
C GLU A 66 13.20 16.17 -39.21
N LEU A 67 13.35 17.14 -40.12
CA LEU A 67 12.84 17.03 -41.49
C LEU A 67 13.81 16.24 -42.41
N GLU A 68 14.92 15.75 -41.80
CA GLU A 68 15.97 14.94 -42.41
C GLU A 68 16.65 15.63 -43.59
N TRP A 69 16.90 16.95 -43.50
CA TRP A 69 17.60 17.68 -44.54
C TRP A 69 19.10 17.57 -44.33
N ILE A 70 19.49 17.19 -43.10
CA ILE A 70 20.88 16.96 -42.69
C ILE A 70 20.97 15.59 -41.99
N GLU A 71 22.09 14.87 -42.22
CA GLU A 71 22.38 13.58 -41.59
C GLU A 71 23.21 13.80 -40.33
N CYS A 72 22.69 13.35 -39.19
CA CYS A 72 23.32 13.54 -37.89
C CYS A 72 23.58 12.25 -37.19
N ALA A 73 24.51 12.27 -36.23
CA ALA A 73 24.76 11.11 -35.41
C ALA A 73 23.76 11.21 -34.23
N GLU A 74 23.66 10.14 -33.38
CA GLU A 74 22.75 10.12 -32.22
C GLU A 74 23.15 11.23 -31.26
N ASP A 75 22.16 12.04 -30.80
CA ASP A 75 22.30 13.17 -29.88
C ASP A 75 23.13 14.33 -30.44
N ARG A 76 23.34 14.43 -31.77
CA ARG A 76 24.16 15.52 -32.32
C ARG A 76 23.66 16.09 -33.67
N PHE A 77 24.11 17.31 -34.04
CA PHE A 77 23.71 18.01 -35.28
C PHE A 77 24.74 17.80 -36.39
N ASN A 78 25.77 16.98 -36.11
CA ASN A 78 26.83 16.66 -37.08
C ASN A 78 27.26 15.20 -37.01
N LYS A 79 28.00 14.76 -38.02
CA LYS A 79 28.49 13.39 -38.03
C LYS A 79 29.98 13.30 -38.38
N ARG A 80 30.67 12.21 -37.99
CA ARG A 80 32.09 11.99 -38.28
C ARG A 80 32.32 11.67 -39.74
N ILE A 81 33.31 12.36 -40.33
CA ILE A 81 33.74 12.20 -41.72
C ILE A 81 35.28 11.94 -41.79
N LYS A 82 35.81 11.56 -42.97
CA LYS A 82 37.25 11.36 -43.23
C LYS A 82 37.65 11.99 -44.56
N ILE A 83 38.58 12.97 -44.51
CA ILE A 83 39.12 13.64 -45.70
C ILE A 83 40.65 13.53 -45.63
N ASP A 84 41.25 12.95 -46.68
CA ASP A 84 42.70 12.70 -46.84
C ASP A 84 43.31 12.02 -45.60
N GLY A 85 42.65 10.96 -45.17
CA GLY A 85 43.05 10.12 -44.05
C GLY A 85 42.90 10.72 -42.68
N GLU A 86 42.32 11.94 -42.59
CA GLU A 86 42.09 12.66 -41.33
C GLU A 86 40.61 12.69 -40.92
N ASN A 87 40.31 12.36 -39.65
CA ASN A 87 38.93 12.39 -39.14
C ASN A 87 38.59 13.77 -38.64
N MET A 88 37.32 14.14 -38.81
CA MET A 88 36.75 15.40 -38.37
C MET A 88 35.23 15.27 -38.28
N TYR A 89 34.54 16.32 -37.76
CA TYR A 89 33.09 16.35 -37.71
C TYR A 89 32.64 17.38 -38.70
N ALA A 90 31.62 17.07 -39.46
CA ALA A 90 31.06 18.00 -40.40
C ALA A 90 29.53 17.95 -40.33
N VAL A 91 28.87 19.05 -40.76
CA VAL A 91 27.43 19.12 -40.90
C VAL A 91 27.23 18.56 -42.31
N VAL A 92 26.52 17.44 -42.42
CA VAL A 92 26.29 16.73 -43.67
C VAL A 92 24.88 17.03 -44.23
N ILE A 93 24.83 17.83 -45.32
CA ILE A 93 23.58 18.21 -45.99
C ILE A 93 23.29 17.21 -47.10
N LYS A 94 22.04 16.69 -47.18
CA LYS A 94 21.62 15.78 -48.25
C LYS A 94 21.54 16.59 -49.53
N TYR A 95 22.22 16.14 -50.61
CA TYR A 95 22.15 16.87 -51.87
C TYR A 95 20.72 16.88 -52.42
N SER A 96 20.00 15.73 -52.29
CA SER A 96 18.60 15.57 -52.72
C SER A 96 17.69 16.63 -52.10
N SER A 97 17.88 16.93 -50.79
CA SER A 97 17.12 17.96 -50.07
C SER A 97 17.45 19.36 -50.57
N TYR A 98 18.72 19.63 -50.90
CA TYR A 98 19.15 20.91 -51.44
C TYR A 98 18.59 21.13 -52.86
N SER A 99 18.66 20.08 -53.73
CA SER A 99 18.26 20.12 -55.14
C SER A 99 16.76 20.52 -55.40
N ILE A 100 15.72 19.99 -54.68
CA ILE A 100 14.31 20.42 -54.88
C ILE A 100 14.08 21.76 -54.33
N LEU A 101 14.57 22.01 -53.07
CA LEU A 101 14.38 23.29 -52.41
C LEU A 101 14.92 24.43 -53.30
N LYS A 102 16.09 24.18 -53.93
CA LYS A 102 16.65 25.12 -54.90
C LYS A 102 15.71 25.24 -56.11
N ARG A 103 15.22 24.10 -56.68
CA ARG A 103 14.29 24.07 -57.83
C ARG A 103 13.03 24.92 -57.54
N LEU A 104 12.47 24.78 -56.32
CA LEU A 104 11.27 25.48 -55.85
C LEU A 104 11.45 26.99 -55.86
N TYR A 105 12.62 27.49 -55.46
CA TYR A 105 12.90 28.93 -55.45
C TYR A 105 13.68 29.47 -56.74
N LEU A 106 13.93 28.60 -57.75
CA LEU A 106 14.59 28.98 -59.02
C LEU A 106 13.55 29.54 -59.99
N LYS B 7 6.98 28.39 -55.35
CA LYS B 7 7.45 29.55 -54.59
C LYS B 7 7.15 29.50 -53.04
N ASP B 8 6.16 28.69 -52.55
CA ASP B 8 5.80 28.62 -51.12
C ASP B 8 5.69 27.19 -50.63
N LEU B 9 6.72 26.71 -49.89
CA LEU B 9 6.82 25.37 -49.34
C LEU B 9 5.63 25.01 -48.41
N ASN B 10 5.05 26.02 -47.75
CA ASN B 10 3.93 25.81 -46.83
C ASN B 10 2.70 25.28 -47.52
N LEU B 11 2.52 25.66 -48.80
CA LEU B 11 1.35 25.19 -49.55
C LEU B 11 1.39 23.68 -49.72
N TYR B 12 2.59 23.09 -49.94
CA TYR B 12 2.81 21.65 -50.09
C TYR B 12 2.63 20.92 -48.78
N ALA B 13 3.15 21.50 -47.68
CA ALA B 13 3.07 20.93 -46.33
C ALA B 13 1.64 20.96 -45.80
N LYS B 14 0.95 22.11 -45.98
CA LYS B 14 -0.45 22.30 -45.57
C LYS B 14 -1.34 21.33 -46.35
N GLU B 15 -1.10 21.11 -47.66
CA GLU B 15 -1.86 20.14 -48.47
C GLU B 15 -1.69 18.71 -47.95
N LEU B 16 -0.47 18.30 -47.62
CA LEU B 16 -0.26 16.96 -47.07
C LEU B 16 -1.07 16.73 -45.81
N VAL B 17 -1.04 17.71 -44.88
CA VAL B 17 -1.80 17.62 -43.62
C VAL B 17 -3.30 17.67 -43.90
N ASP B 18 -3.76 18.57 -44.77
CA ASP B 18 -5.17 18.69 -45.15
C ASP B 18 -5.73 17.43 -45.79
N VAL B 19 -4.98 16.80 -46.72
CA VAL B 19 -5.35 15.54 -47.40
C VAL B 19 -5.55 14.43 -46.37
N VAL B 20 -4.62 14.31 -45.40
CA VAL B 20 -4.69 13.26 -44.36
C VAL B 20 -5.84 13.54 -43.42
N ASN B 21 -6.06 14.81 -43.06
CA ASN B 21 -7.15 15.22 -42.18
C ASN B 21 -8.49 14.95 -42.85
N TYR B 22 -8.64 15.23 -44.16
CA TYR B 22 -9.85 15.01 -44.96
C TYR B 22 -10.24 13.56 -45.00
N LEU B 23 -9.30 12.68 -45.38
CA LEU B 23 -9.54 11.24 -45.47
C LEU B 23 -9.73 10.60 -44.10
N MET B 24 -9.18 11.20 -43.03
CA MET B 24 -9.33 10.68 -41.67
C MET B 24 -10.78 10.88 -41.21
N LYS B 25 -11.35 12.07 -41.46
CA LYS B 25 -12.73 12.40 -41.16
C LYS B 25 -13.66 11.47 -41.96
N LYS B 26 -13.49 11.39 -43.31
CA LYS B 26 -14.27 10.53 -44.20
C LYS B 26 -13.95 9.00 -44.05
N ASN B 27 -13.21 8.61 -42.96
CA ASN B 27 -12.79 7.23 -42.61
C ASN B 27 -12.15 6.41 -43.76
N GLN B 28 -11.47 7.08 -44.72
CA GLN B 28 -10.88 6.40 -45.87
C GLN B 28 -9.34 6.07 -45.75
N LEU B 29 -8.80 5.94 -44.50
CA LEU B 29 -7.36 5.62 -44.29
C LEU B 29 -7.08 4.16 -43.97
N VAL B 30 -5.98 3.67 -44.49
CA VAL B 30 -5.47 2.35 -44.25
C VAL B 30 -4.08 2.58 -43.69
N PHE B 31 -3.72 1.82 -42.68
CA PHE B 31 -2.40 1.97 -42.07
C PHE B 31 -1.51 0.75 -42.26
N SER B 32 -0.18 0.95 -42.16
CA SER B 32 0.80 -0.13 -42.26
C SER B 32 0.68 -0.94 -40.95
N ARG B 33 1.34 -2.13 -40.89
CA ARG B 33 1.31 -3.02 -39.72
C ARG B 33 1.76 -2.28 -38.44
N ASN B 34 2.86 -1.51 -38.53
CA ASN B 34 3.47 -0.72 -37.45
C ASN B 34 2.81 0.64 -37.21
N ASN B 35 1.81 1.00 -38.03
CA ASN B 35 1.06 2.27 -37.99
C ASN B 35 1.97 3.52 -38.24
N LYS B 36 3.16 3.28 -38.85
CA LYS B 36 4.13 4.34 -39.18
C LYS B 36 3.86 4.96 -40.56
N PHE B 37 2.96 4.32 -41.36
CA PHE B 37 2.62 4.73 -42.73
C PHE B 37 1.15 4.70 -43.04
N ILE B 38 0.72 5.60 -43.94
CA ILE B 38 -0.65 5.75 -44.39
C ILE B 38 -0.74 5.35 -45.86
N TYR B 39 -1.61 4.39 -46.20
CA TYR B 39 -1.83 3.97 -47.58
C TYR B 39 -3.08 4.67 -48.13
N VAL B 40 -2.91 5.36 -49.24
CA VAL B 40 -3.98 6.11 -49.92
C VAL B 40 -4.02 5.61 -51.39
N ASN B 41 -5.21 5.51 -51.97
CA ASN B 41 -5.38 5.09 -53.35
C ASN B 41 -4.77 6.16 -54.25
N THR B 42 -3.99 5.75 -55.24
CA THR B 42 -3.29 6.64 -56.16
C THR B 42 -4.22 7.61 -56.89
N GLU B 43 -5.39 7.12 -57.32
CA GLU B 43 -6.37 7.88 -58.09
C GLU B 43 -7.03 8.93 -57.23
N THR B 44 -7.37 8.58 -55.98
CA THR B 44 -7.92 9.50 -55.01
C THR B 44 -6.96 10.68 -54.83
N ILE B 45 -5.71 10.47 -54.27
CA ILE B 45 -4.79 11.60 -54.07
C ILE B 45 -4.62 12.40 -55.35
N LYS B 46 -4.48 11.75 -56.48
CA LYS B 46 -4.30 12.52 -57.71
C LYS B 46 -5.51 13.41 -58.04
N SER B 47 -6.75 13.02 -57.64
CA SER B 47 -7.98 13.82 -57.81
C SER B 47 -7.97 15.02 -56.81
N MET B 48 -7.70 14.76 -55.51
CA MET B 48 -7.62 15.76 -54.43
C MET B 48 -6.53 16.78 -54.75
N LEU B 49 -5.41 16.35 -55.34
CA LEU B 49 -4.30 17.23 -55.64
C LEU B 49 -4.55 18.13 -56.88
N GLU B 50 -5.60 17.84 -57.67
CA GLU B 50 -5.98 18.62 -58.86
C GLU B 50 -6.56 19.98 -58.50
N LYS B 51 -7.30 20.05 -57.37
CA LYS B 51 -8.02 21.21 -56.88
C LYS B 51 -7.15 22.49 -56.70
N ARG B 52 -6.22 22.52 -55.72
CA ARG B 52 -5.35 23.67 -55.47
C ARG B 52 -4.32 23.85 -56.57
N ASN B 53 -4.46 24.91 -57.37
CA ASN B 53 -3.67 25.15 -58.55
C ASN B 53 -2.32 25.88 -58.32
N TYR B 54 -1.69 25.77 -57.12
CA TYR B 54 -0.37 26.37 -56.92
C TYR B 54 0.74 25.63 -57.66
N ASP B 55 0.51 24.32 -57.95
CA ASP B 55 1.38 23.41 -58.70
C ASP B 55 0.53 22.27 -59.25
N THR B 56 1.10 21.53 -60.23
CA THR B 56 0.47 20.38 -60.86
C THR B 56 0.49 19.19 -59.89
N VAL B 57 -0.35 18.17 -60.13
CA VAL B 57 -0.36 16.98 -59.27
C VAL B 57 1.03 16.35 -59.24
N ASP B 58 1.67 16.18 -60.43
CA ASP B 58 3.01 15.62 -60.56
C ASP B 58 4.09 16.47 -59.90
N GLY B 59 3.90 17.79 -59.90
CA GLY B 59 4.82 18.74 -59.28
C GLY B 59 4.80 18.60 -57.78
N LYS B 60 3.59 18.43 -57.20
CA LYS B 60 3.36 18.23 -55.76
C LYS B 60 3.94 16.88 -55.29
N LEU B 61 3.65 15.79 -56.02
CA LEU B 61 4.16 14.45 -55.71
C LEU B 61 5.70 14.34 -55.84
N TYR B 62 6.33 15.08 -56.79
CA TYR B 62 7.80 15.08 -56.96
C TYR B 62 8.44 15.71 -55.72
N LEU B 63 7.91 16.86 -55.23
CA LEU B 63 8.44 17.53 -54.05
C LEU B 63 8.23 16.69 -52.80
N TRP B 64 7.06 16.04 -52.69
CA TRP B 64 6.76 15.17 -51.55
C TRP B 64 7.73 14.01 -51.49
N ARG B 65 8.05 13.42 -52.67
CA ARG B 65 8.99 12.30 -52.81
C ARG B 65 10.40 12.71 -52.45
N GLU B 66 10.88 13.82 -53.01
CA GLU B 66 12.22 14.36 -52.82
C GLU B 66 12.50 14.79 -51.39
N LEU B 67 11.48 15.36 -50.72
CA LEU B 67 11.58 15.73 -49.31
C LEU B 67 11.29 14.53 -48.37
N GLU B 68 11.04 13.35 -49.00
CA GLU B 68 10.80 12.06 -48.37
C GLU B 68 9.58 12.05 -47.44
N TRP B 69 8.51 12.75 -47.81
CA TRP B 69 7.27 12.77 -47.04
C TRP B 69 6.40 11.59 -47.45
N ILE B 70 6.72 10.99 -48.63
CA ILE B 70 6.05 9.81 -49.18
C ILE B 70 7.11 8.79 -49.60
N GLU B 71 6.82 7.48 -49.42
CA GLU B 71 7.71 6.38 -49.85
C GLU B 71 7.28 5.88 -51.23
N CYS B 72 8.18 5.93 -52.21
CA CYS B 72 7.90 5.56 -53.59
C CYS B 72 8.91 4.54 -54.11
N ALA B 73 8.64 3.97 -55.31
CA ALA B 73 9.56 3.12 -56.05
C ALA B 73 10.36 4.07 -56.99
N GLU B 74 11.66 3.74 -57.34
CA GLU B 74 12.48 4.62 -58.17
C GLU B 74 11.76 5.04 -59.46
N ASP B 75 11.63 6.37 -59.69
CA ASP B 75 10.95 7.02 -60.82
C ASP B 75 9.43 6.64 -60.95
N ARG B 76 8.69 6.77 -59.81
CA ARG B 76 7.25 6.54 -59.62
C ARG B 76 6.80 7.29 -58.35
N PHE B 77 5.48 7.53 -58.16
CA PHE B 77 4.94 8.24 -56.96
C PHE B 77 4.11 7.31 -56.08
N ASN B 78 3.99 6.08 -56.57
CA ASN B 78 3.31 4.86 -56.20
C ASN B 78 4.30 3.89 -55.51
N LYS B 79 3.75 2.86 -54.85
CA LYS B 79 4.53 1.85 -54.15
C LYS B 79 3.69 0.58 -54.07
N ARG B 80 4.32 -0.60 -54.16
CA ARG B 80 3.59 -1.85 -53.99
C ARG B 80 3.40 -2.16 -52.51
N ILE B 81 2.14 -2.48 -52.15
CA ILE B 81 1.76 -2.85 -50.79
C ILE B 81 1.06 -4.24 -50.79
N LYS B 82 0.85 -4.81 -49.57
CA LYS B 82 0.12 -6.08 -49.40
C LYS B 82 -0.92 -5.95 -48.26
N ILE B 83 -2.19 -6.25 -48.60
CA ILE B 83 -3.32 -6.25 -47.64
C ILE B 83 -4.09 -7.55 -47.84
N ASP B 84 -4.24 -8.36 -46.77
CA ASP B 84 -4.93 -9.66 -46.76
C ASP B 84 -4.48 -10.56 -47.93
N GLY B 85 -3.15 -10.73 -48.02
CA GLY B 85 -2.49 -11.56 -49.02
C GLY B 85 -2.53 -11.06 -50.46
N GLU B 86 -3.24 -9.96 -50.74
CA GLU B 86 -3.33 -9.43 -52.10
C GLU B 86 -2.42 -8.23 -52.29
N ASN B 87 -1.85 -8.12 -53.48
CA ASN B 87 -0.94 -7.05 -53.88
C ASN B 87 -1.66 -5.95 -54.65
N MET B 88 -1.29 -4.69 -54.34
CA MET B 88 -1.83 -3.48 -54.98
C MET B 88 -0.82 -2.34 -54.87
N TYR B 89 -1.11 -1.18 -55.51
CA TYR B 89 -0.26 0.01 -55.42
C TYR B 89 -0.98 1.08 -54.62
N ALA B 90 -0.23 1.72 -53.74
CA ALA B 90 -0.77 2.82 -52.95
C ALA B 90 0.25 3.95 -52.87
N VAL B 91 -0.20 5.18 -52.58
CA VAL B 91 0.63 6.33 -52.29
C VAL B 91 0.82 6.20 -50.76
N VAL B 92 2.06 6.01 -50.33
CA VAL B 92 2.41 5.74 -48.93
C VAL B 92 2.98 6.99 -48.26
N ILE B 93 2.19 7.61 -47.35
CA ILE B 93 2.56 8.81 -46.61
C ILE B 93 3.20 8.41 -45.27
N LYS B 94 4.38 8.97 -44.93
CA LYS B 94 5.03 8.70 -43.64
C LYS B 94 4.18 9.40 -42.57
N TYR B 95 3.76 8.65 -41.53
CA TYR B 95 2.99 9.27 -40.44
C TYR B 95 3.83 10.32 -39.71
N SER B 96 5.16 10.05 -39.49
CA SER B 96 6.12 10.95 -38.87
C SER B 96 6.15 12.29 -39.58
N SER B 97 6.14 12.29 -40.94
CA SER B 97 6.13 13.52 -41.74
C SER B 97 4.85 14.31 -41.53
N TYR B 98 3.69 13.60 -41.52
CA TYR B 98 2.37 14.20 -41.26
C TYR B 98 2.32 14.84 -39.86
N SER B 99 2.73 14.09 -38.80
CA SER B 99 2.71 14.60 -37.43
C SER B 99 3.64 15.80 -37.23
N ILE B 100 4.90 15.74 -37.75
CA ILE B 100 5.90 16.83 -37.68
C ILE B 100 5.32 18.11 -38.31
N LEU B 101 4.72 17.98 -39.49
CA LEU B 101 4.12 19.12 -40.20
C LEU B 101 2.82 19.66 -39.58
N LYS B 102 1.94 18.78 -39.07
CA LYS B 102 0.70 19.19 -38.41
C LYS B 102 1.07 20.03 -37.17
N ARG B 103 2.08 19.54 -36.36
CA ARG B 103 2.66 20.19 -35.17
C ARG B 103 3.21 21.57 -35.51
N LEU B 104 4.00 21.69 -36.63
CA LEU B 104 4.63 22.95 -37.13
C LEU B 104 3.65 24.04 -37.56
N TYR B 105 2.36 23.70 -37.76
CA TYR B 105 1.32 24.69 -38.11
C TYR B 105 0.23 24.86 -36.99
N LEU B 106 0.33 24.09 -35.87
CA LEU B 106 -0.57 24.11 -34.70
C LEU B 106 0.08 23.48 -33.44
N LYS C 7 -11.78 3.57 -30.58
CA LYS C 7 -12.86 4.54 -30.47
C LYS C 7 -13.49 4.58 -29.06
N ASP C 8 -14.43 3.65 -28.66
CA ASP C 8 -14.97 3.71 -27.28
C ASP C 8 -14.02 2.98 -26.37
N LEU C 9 -13.18 3.78 -25.70
CA LEU C 9 -12.15 3.34 -24.77
C LEU C 9 -12.69 2.54 -23.60
N ASN C 10 -13.97 2.78 -23.20
CA ASN C 10 -14.59 2.06 -22.10
C ASN C 10 -14.72 0.60 -22.38
N LEU C 11 -14.93 0.22 -23.64
CA LEU C 11 -15.07 -1.18 -24.01
C LEU C 11 -13.82 -1.97 -23.66
N TYR C 12 -12.62 -1.39 -23.93
CA TYR C 12 -11.31 -1.95 -23.64
C TYR C 12 -11.02 -1.99 -22.16
N ALA C 13 -11.34 -0.90 -21.41
CA ALA C 13 -11.12 -0.77 -19.97
C ALA C 13 -12.00 -1.70 -19.21
N LYS C 14 -13.33 -1.75 -19.56
CA LYS C 14 -14.33 -2.63 -18.91
C LYS C 14 -13.91 -4.07 -19.11
N GLU C 15 -13.41 -4.45 -20.34
CA GLU C 15 -12.92 -5.82 -20.60
C GLU C 15 -11.75 -6.18 -19.70
N LEU C 16 -10.75 -5.29 -19.54
CA LEU C 16 -9.61 -5.55 -18.67
C LEU C 16 -10.06 -5.85 -17.25
N VAL C 17 -10.97 -5.05 -16.70
CA VAL C 17 -11.49 -5.25 -15.34
C VAL C 17 -12.30 -6.55 -15.27
N ASP C 18 -13.18 -6.81 -16.26
CA ASP C 18 -14.03 -8.00 -16.32
C ASP C 18 -13.20 -9.30 -16.38
N VAL C 19 -12.14 -9.32 -17.23
CA VAL C 19 -11.20 -10.45 -17.38
C VAL C 19 -10.51 -10.76 -16.04
N VAL C 20 -10.01 -9.73 -15.33
CA VAL C 20 -9.32 -9.90 -14.05
C VAL C 20 -10.30 -10.36 -12.99
N ASN C 21 -11.52 -9.82 -13.00
CA ASN C 21 -12.58 -10.19 -12.05
C ASN C 21 -12.98 -11.64 -12.23
N TYR C 22 -13.14 -12.10 -13.49
CA TYR C 22 -13.51 -13.46 -13.87
C TYR C 22 -12.48 -14.48 -13.38
N LEU C 23 -11.20 -14.25 -13.70
CA LEU C 23 -10.10 -15.13 -13.31
C LEU C 23 -9.82 -15.08 -11.82
N MET C 24 -10.20 -14.00 -11.15
CA MET C 24 -10.00 -13.87 -9.70
C MET C 24 -10.96 -14.80 -8.98
N LYS C 25 -12.24 -14.81 -9.43
CA LYS C 25 -13.29 -15.68 -8.89
C LYS C 25 -12.88 -17.15 -9.16
N LYS C 26 -12.55 -17.52 -10.43
CA LYS C 26 -12.11 -18.87 -10.83
C LYS C 26 -10.66 -19.25 -10.33
N ASN C 27 -10.06 -18.44 -9.41
CA ASN C 27 -8.72 -18.60 -8.80
C ASN C 27 -7.56 -18.87 -9.79
N GLN C 28 -7.69 -18.39 -11.05
CA GLN C 28 -6.69 -18.58 -12.12
C GLN C 28 -5.75 -17.35 -12.28
N LEU C 29 -5.56 -16.59 -11.19
CA LEU C 29 -4.70 -15.41 -11.17
C LEU C 29 -3.53 -15.65 -10.22
N VAL C 30 -2.33 -15.20 -10.64
CA VAL C 30 -1.08 -15.27 -9.88
C VAL C 30 -0.55 -13.84 -9.78
N PHE C 31 0.08 -13.49 -8.64
CA PHE C 31 0.63 -12.14 -8.44
C PHE C 31 2.15 -12.10 -8.41
N SER C 32 2.72 -10.92 -8.71
CA SER C 32 4.16 -10.71 -8.65
C SER C 32 4.52 -10.67 -7.15
N ARG C 33 5.82 -10.75 -6.76
CA ARG C 33 6.26 -10.73 -5.36
C ARG C 33 5.76 -9.49 -4.64
N ASN C 34 5.86 -8.30 -5.28
CA ASN C 34 5.45 -6.99 -4.75
C ASN C 34 3.92 -6.72 -4.88
N ASN C 35 3.17 -7.67 -5.49
CA ASN C 35 1.73 -7.59 -5.73
C ASN C 35 1.33 -6.41 -6.65
N LYS C 36 2.31 -5.86 -7.42
CA LYS C 36 2.08 -4.75 -8.34
C LYS C 36 1.62 -5.21 -9.72
N PHE C 37 1.74 -6.54 -9.99
CA PHE C 37 1.40 -7.16 -11.26
C PHE C 37 0.63 -8.46 -11.15
N ILE C 38 -0.19 -8.72 -12.18
CA ILE C 38 -1.03 -9.91 -12.30
C ILE C 38 -0.54 -10.75 -13.49
N TYR C 39 -0.21 -12.01 -13.25
CA TYR C 39 0.22 -12.91 -14.32
C TYR C 39 -0.98 -13.77 -14.76
N VAL C 40 -1.26 -13.76 -16.06
CA VAL C 40 -2.34 -14.52 -16.68
C VAL C 40 -1.70 -15.32 -17.85
N ASN C 41 -2.21 -16.55 -18.10
CA ASN C 41 -1.73 -17.39 -19.19
C ASN C 41 -2.12 -16.73 -20.53
N THR C 42 -1.18 -16.65 -21.48
CA THR C 42 -1.37 -16.01 -22.80
C THR C 42 -2.55 -16.59 -23.54
N GLU C 43 -2.73 -17.93 -23.48
CA GLU C 43 -3.79 -18.68 -24.19
C GLU C 43 -5.15 -18.38 -23.61
N THR C 44 -5.27 -18.43 -22.28
CA THR C 44 -6.53 -18.16 -21.57
C THR C 44 -7.03 -16.76 -21.91
N ILE C 45 -6.18 -15.75 -21.76
CA ILE C 45 -6.55 -14.36 -22.03
C ILE C 45 -6.96 -14.17 -23.51
N LYS C 46 -6.22 -14.76 -24.46
CA LYS C 46 -6.54 -14.66 -25.89
C LYS C 46 -7.87 -15.34 -26.23
N SER C 47 -8.23 -16.38 -25.48
CA SER C 47 -9.49 -17.08 -25.70
C SER C 47 -10.67 -16.23 -25.19
N MET C 48 -10.50 -15.62 -23.99
CA MET C 48 -11.50 -14.75 -23.35
C MET C 48 -11.76 -13.48 -24.13
N LEU C 49 -10.71 -12.97 -24.82
CA LEU C 49 -10.80 -11.75 -25.64
C LEU C 49 -11.50 -12.00 -26.98
N GLU C 50 -11.73 -13.28 -27.35
CA GLU C 50 -12.42 -13.66 -28.58
C GLU C 50 -13.92 -13.35 -28.54
N LYS C 51 -14.54 -13.46 -27.35
CA LYS C 51 -15.97 -13.27 -27.08
C LYS C 51 -16.57 -11.91 -27.56
N ARG C 52 -16.20 -10.78 -26.94
CA ARG C 52 -16.70 -9.43 -27.31
C ARG C 52 -16.12 -8.96 -28.64
N ASN C 53 -16.97 -8.88 -29.67
CA ASN C 53 -16.58 -8.60 -31.04
C ASN C 53 -16.39 -7.10 -31.40
N TYR C 54 -16.13 -6.19 -30.41
CA TYR C 54 -15.90 -4.76 -30.74
C TYR C 54 -14.56 -4.53 -31.45
N ASP C 55 -13.59 -5.46 -31.24
CA ASP C 55 -12.26 -5.47 -31.84
C ASP C 55 -11.70 -6.89 -31.79
N THR C 56 -10.62 -7.15 -32.55
CA THR C 56 -9.92 -8.43 -32.59
C THR C 56 -9.07 -8.62 -31.33
N VAL C 57 -8.63 -9.85 -31.03
CA VAL C 57 -7.81 -10.10 -29.84
C VAL C 57 -6.50 -9.30 -29.95
N ASP C 58 -5.86 -9.30 -31.13
CA ASP C 58 -4.63 -8.54 -31.36
C ASP C 58 -4.84 -7.02 -31.28
N GLY C 59 -6.03 -6.56 -31.67
CA GLY C 59 -6.41 -5.15 -31.60
C GLY C 59 -6.54 -4.67 -30.17
N LYS C 60 -7.14 -5.51 -29.32
CA LYS C 60 -7.32 -5.24 -27.90
C LYS C 60 -5.95 -5.23 -27.18
N LEU C 61 -5.08 -6.20 -27.47
CA LEU C 61 -3.75 -6.30 -26.86
C LEU C 61 -2.80 -5.18 -27.31
N TYR C 62 -2.99 -4.65 -28.54
CA TYR C 62 -2.17 -3.55 -29.05
C TYR C 62 -2.46 -2.28 -28.25
N LEU C 63 -3.77 -1.99 -28.04
CA LEU C 63 -4.22 -0.83 -27.27
C LEU C 63 -3.83 -0.96 -25.80
N TRP C 64 -3.97 -2.14 -25.20
CA TRP C 64 -3.57 -2.37 -23.81
C TRP C 64 -2.08 -2.12 -23.63
N ARG C 65 -1.27 -2.56 -24.60
CA ARG C 65 0.19 -2.41 -24.61
C ARG C 65 0.59 -0.95 -24.74
N GLU C 66 0.03 -0.26 -25.76
CA GLU C 66 0.25 1.15 -26.07
C GLU C 66 -0.03 2.03 -24.85
N LEU C 67 -1.20 1.82 -24.22
CA LEU C 67 -1.66 2.58 -23.05
C LEU C 67 -0.97 2.14 -21.78
N GLU C 68 -0.07 1.16 -21.90
CA GLU C 68 0.74 0.57 -20.83
C GLU C 68 -0.08 -0.02 -19.68
N TRP C 69 -1.19 -0.71 -20.01
CA TRP C 69 -2.01 -1.37 -19.00
C TRP C 69 -1.47 -2.75 -18.75
N ILE C 70 -0.63 -3.24 -19.70
CA ILE C 70 0.06 -4.52 -19.64
C ILE C 70 1.53 -4.31 -19.91
N GLU C 71 2.42 -5.06 -19.20
CA GLU C 71 3.88 -5.01 -19.40
C GLU C 71 4.31 -6.07 -20.41
N CYS C 72 4.95 -5.65 -21.52
CA CYS C 72 5.36 -6.51 -22.61
C CYS C 72 6.86 -6.47 -22.86
N ALA C 73 7.35 -7.48 -23.56
CA ALA C 73 8.74 -7.52 -24.02
C ALA C 73 8.73 -6.80 -25.39
N GLU C 74 9.93 -6.50 -25.96
CA GLU C 74 10.03 -5.85 -27.27
C GLU C 74 9.43 -6.78 -28.35
N ASP C 75 8.52 -6.22 -29.19
CA ASP C 75 7.84 -6.89 -30.29
C ASP C 75 6.94 -8.06 -29.84
N ARG C 76 6.37 -7.97 -28.63
CA ARG C 76 5.49 -9.01 -28.08
C ARG C 76 4.43 -8.48 -27.17
N PHE C 77 3.37 -9.30 -26.89
CA PHE C 77 2.23 -8.92 -26.02
C PHE C 77 2.34 -9.57 -24.66
N ASN C 78 3.46 -10.31 -24.43
CA ASN C 78 3.74 -10.99 -23.16
C ASN C 78 5.19 -10.89 -22.74
N LYS C 79 5.46 -11.24 -21.50
CA LYS C 79 6.82 -11.17 -21.02
C LYS C 79 7.19 -12.40 -20.24
N ARG C 80 8.50 -12.70 -20.14
CA ARG C 80 9.02 -13.85 -19.36
C ARG C 80 8.86 -13.65 -17.86
N ILE C 81 8.30 -14.66 -17.20
CA ILE C 81 8.13 -14.68 -15.74
C ILE C 81 8.81 -15.92 -15.11
N LYS C 82 8.92 -15.98 -13.76
CA LYS C 82 9.45 -17.15 -13.04
C LYS C 82 8.59 -17.45 -11.82
N ILE C 83 8.00 -18.66 -11.77
CA ILE C 83 7.16 -19.13 -10.65
C ILE C 83 7.75 -20.48 -10.19
N ASP C 84 8.17 -20.56 -8.91
CA ASP C 84 8.79 -21.72 -8.27
C ASP C 84 9.93 -22.31 -9.14
N GLY C 85 10.85 -21.43 -9.53
CA GLY C 85 12.03 -21.74 -10.32
C GLY C 85 11.80 -22.15 -11.76
N GLU C 86 10.54 -22.09 -12.23
CA GLU C 86 10.17 -22.44 -13.61
C GLU C 86 9.88 -21.18 -14.45
N ASN C 87 10.51 -21.08 -15.63
CA ASN C 87 10.27 -19.94 -16.54
C ASN C 87 9.08 -20.24 -17.44
N MET C 88 8.33 -19.21 -17.77
CA MET C 88 7.19 -19.28 -18.67
C MET C 88 6.90 -17.88 -19.18
N TYR C 89 5.97 -17.77 -20.15
CA TYR C 89 5.54 -16.47 -20.65
C TYR C 89 4.12 -16.23 -20.13
N ALA C 90 3.89 -15.02 -19.63
CA ALA C 90 2.58 -14.64 -19.15
C ALA C 90 2.24 -13.24 -19.66
N VAL C 91 0.94 -12.93 -19.72
CA VAL C 91 0.41 -11.60 -20.01
C VAL C 91 0.40 -10.94 -18.63
N VAL C 92 1.17 -9.87 -18.46
CA VAL C 92 1.35 -9.22 -17.17
C VAL C 92 0.54 -7.93 -17.10
N ILE C 93 -0.53 -7.93 -16.30
CA ILE C 93 -1.44 -6.78 -16.11
C ILE C 93 -0.97 -5.94 -14.92
N LYS C 94 -0.85 -4.60 -15.08
CA LYS C 94 -0.46 -3.69 -13.99
C LYS C 94 -1.61 -3.66 -13.01
N TYR C 95 -1.36 -3.93 -11.73
CA TYR C 95 -2.46 -3.86 -10.77
C TYR C 95 -3.02 -2.44 -10.65
N SER C 96 -2.13 -1.38 -10.70
CA SER C 96 -2.51 0.04 -10.66
C SER C 96 -3.53 0.40 -11.76
N SER C 97 -3.34 -0.14 -12.97
CA SER C 97 -4.22 0.05 -14.12
C SER C 97 -5.58 -0.61 -13.85
N TYR C 98 -5.57 -1.84 -13.34
CA TYR C 98 -6.79 -2.58 -13.00
C TYR C 98 -7.57 -1.86 -11.92
N SER C 99 -6.87 -1.41 -10.84
CA SER C 99 -7.46 -0.77 -9.69
C SER C 99 -8.28 0.51 -10.01
N ILE C 100 -7.77 1.54 -10.77
CA ILE C 100 -8.67 2.70 -11.06
C ILE C 100 -9.76 2.27 -11.98
N LEU C 101 -9.40 1.67 -13.12
CA LEU C 101 -10.39 1.19 -14.07
C LEU C 101 -11.54 0.46 -13.33
N LYS C 102 -11.26 -0.31 -12.25
CA LYS C 102 -12.28 -0.96 -11.41
C LYS C 102 -13.05 0.07 -10.54
N ARG C 103 -12.33 0.96 -9.82
CA ARG C 103 -12.93 1.99 -8.97
C ARG C 103 -13.87 2.91 -9.79
N LEU C 104 -13.50 3.28 -11.03
CA LEU C 104 -14.29 4.10 -11.95
C LEU C 104 -15.65 3.44 -12.16
N TYR C 105 -15.65 2.16 -12.50
CA TYR C 105 -16.85 1.43 -12.86
C TYR C 105 -17.66 0.77 -11.68
N LEU C 106 -17.33 1.04 -10.39
CA LEU C 106 -18.15 0.50 -9.29
C LEU C 106 -19.15 1.57 -8.75
N LYS D 7 -18.63 7.75 -14.97
CA LYS D 7 -18.82 6.41 -15.50
C LYS D 7 -18.29 6.25 -16.97
N ASP D 8 -17.50 7.23 -17.46
CA ASP D 8 -16.95 7.24 -18.82
C ASP D 8 -15.49 7.71 -18.89
N LEU D 9 -14.57 6.77 -19.20
CA LEU D 9 -13.14 7.01 -19.36
C LEU D 9 -12.86 8.02 -20.48
N ASN D 10 -13.72 8.10 -21.52
CA ASN D 10 -13.53 9.03 -22.64
C ASN D 10 -13.58 10.47 -22.22
N LEU D 11 -14.37 10.79 -21.18
CA LEU D 11 -14.46 12.15 -20.66
C LEU D 11 -13.11 12.63 -20.13
N TYR D 12 -12.34 11.75 -19.44
CA TYR D 12 -11.00 12.02 -18.90
C TYR D 12 -9.98 12.13 -19.99
N ALA D 13 -10.01 11.18 -20.92
CA ALA D 13 -9.14 11.07 -22.08
C ALA D 13 -9.30 12.29 -22.97
N LYS D 14 -10.54 12.62 -23.41
CA LYS D 14 -10.85 13.78 -24.27
C LYS D 14 -10.45 15.10 -23.58
N GLU D 15 -10.66 15.23 -22.24
CA GLU D 15 -10.23 16.42 -21.51
C GLU D 15 -8.72 16.60 -21.60
N LEU D 16 -7.92 15.54 -21.42
CA LEU D 16 -6.47 15.64 -21.52
C LEU D 16 -6.04 16.20 -22.87
N VAL D 17 -6.61 15.67 -23.96
CA VAL D 17 -6.30 16.12 -25.33
C VAL D 17 -6.77 17.56 -25.53
N ASP D 18 -8.00 17.89 -25.09
CA ASP D 18 -8.58 19.23 -25.19
C ASP D 18 -7.73 20.29 -24.45
N VAL D 19 -7.32 20.01 -23.20
CA VAL D 19 -6.47 20.86 -22.36
C VAL D 19 -5.13 21.14 -23.05
N VAL D 20 -4.48 20.12 -23.62
CA VAL D 20 -3.19 20.26 -24.30
C VAL D 20 -3.37 21.04 -25.59
N ASN D 21 -4.45 20.78 -26.33
CA ASN D 21 -4.73 21.48 -27.57
C ASN D 21 -4.96 22.97 -27.31
N TYR D 22 -5.75 23.29 -26.27
CA TYR D 22 -6.08 24.66 -25.87
C TYR D 22 -4.84 25.47 -25.54
N LEU D 23 -4.01 24.96 -24.63
CA LEU D 23 -2.79 25.64 -24.17
C LEU D 23 -1.72 25.68 -25.25
N MET D 24 -1.77 24.75 -26.23
CA MET D 24 -0.80 24.73 -27.33
C MET D 24 -1.08 25.93 -28.24
N LYS D 25 -2.38 26.15 -28.59
CA LYS D 25 -2.83 27.26 -29.41
C LYS D 25 -2.45 28.57 -28.70
N LYS D 26 -2.90 28.75 -27.42
CA LYS D 26 -2.63 29.94 -26.60
C LYS D 26 -1.16 30.08 -26.13
N ASN D 27 -0.22 29.28 -26.71
CA ASN D 27 1.23 29.25 -26.43
C ASN D 27 1.62 29.24 -24.93
N GLN D 28 0.77 28.65 -24.07
CA GLN D 28 0.99 28.55 -22.63
C GLN D 28 1.58 27.15 -22.23
N LEU D 29 2.24 26.47 -23.20
CA LEU D 29 2.83 25.15 -23.02
C LEU D 29 4.33 25.22 -23.24
N VAL D 30 5.07 24.53 -22.37
CA VAL D 30 6.54 24.44 -22.41
C VAL D 30 6.88 22.96 -22.55
N PHE D 31 7.96 22.64 -23.28
CA PHE D 31 8.37 21.25 -23.48
C PHE D 31 9.65 20.90 -22.74
N SER D 32 9.85 19.60 -22.47
CA SER D 32 11.07 19.11 -21.84
C SER D 32 12.17 19.21 -22.90
N ARG D 33 13.46 19.05 -22.52
CA ARG D 33 14.60 19.11 -23.45
C ARG D 33 14.44 18.10 -24.60
N ASN D 34 14.05 16.86 -24.28
CA ASN D 34 13.84 15.75 -25.22
C ASN D 34 12.47 15.77 -25.94
N ASN D 35 11.62 16.77 -25.63
CA ASN D 35 10.27 16.96 -26.18
C ASN D 35 9.30 15.77 -25.87
N LYS D 36 9.66 14.93 -24.88
CA LYS D 36 8.86 13.76 -24.46
C LYS D 36 7.76 14.13 -23.43
N PHE D 37 7.85 15.38 -22.87
CA PHE D 37 6.94 15.87 -21.83
C PHE D 37 6.50 17.30 -22.02
N ILE D 38 5.28 17.60 -21.53
CA ILE D 38 4.66 18.91 -21.58
C ILE D 38 4.52 19.46 -20.16
N TYR D 39 5.06 20.66 -19.92
CA TYR D 39 4.94 21.32 -18.61
C TYR D 39 3.82 22.35 -18.65
N VAL D 40 2.90 22.25 -17.70
CA VAL D 40 1.72 23.12 -17.56
C VAL D 40 1.70 23.64 -16.10
N ASN D 41 1.26 24.88 -15.90
CA ASN D 41 1.17 25.50 -14.57
C ASN D 41 0.08 24.78 -13.77
N THR D 42 0.38 24.43 -12.50
CA THR D 42 -0.57 23.69 -11.65
C THR D 42 -1.90 24.40 -11.49
N GLU D 43 -1.89 25.74 -11.36
CA GLU D 43 -3.08 26.58 -11.15
C GLU D 43 -3.95 26.68 -12.39
N THR D 44 -3.33 26.89 -13.58
CA THR D 44 -4.03 26.95 -14.85
C THR D 44 -4.78 25.64 -15.10
N ILE D 45 -4.09 24.48 -14.98
CA ILE D 45 -4.68 23.17 -15.22
C ILE D 45 -5.82 22.90 -14.22
N LYS D 46 -5.64 23.25 -12.93
CA LYS D 46 -6.68 23.05 -11.91
C LYS D 46 -7.90 23.93 -12.15
N SER D 47 -7.70 25.11 -12.76
CA SER D 47 -8.81 26.01 -13.09
C SER D 47 -9.60 25.44 -14.27
N MET D 48 -8.91 24.95 -15.31
CA MET D 48 -9.49 24.33 -16.52
C MET D 48 -10.26 23.06 -16.21
N LEU D 49 -9.81 22.30 -15.21
CA LEU D 49 -10.44 21.05 -14.80
C LEU D 49 -11.71 21.28 -13.96
N GLU D 50 -11.94 22.52 -13.48
CA GLU D 50 -13.11 22.88 -12.68
C GLU D 50 -14.39 22.93 -13.53
N LYS D 51 -14.27 23.32 -14.82
CA LYS D 51 -15.37 23.51 -15.78
C LYS D 51 -16.27 22.27 -15.94
N ARG D 52 -15.77 21.17 -16.59
CA ARG D 52 -16.55 19.93 -16.81
C ARG D 52 -16.80 19.18 -15.50
N ASN D 53 -18.05 19.16 -15.07
CA ASN D 53 -18.51 18.64 -13.77
C ASN D 53 -18.70 17.11 -13.68
N TYR D 54 -18.10 16.30 -14.58
CA TYR D 54 -18.24 14.83 -14.51
C TYR D 54 -17.50 14.22 -13.33
N ASP D 55 -16.46 14.93 -12.83
CA ASP D 55 -15.66 14.57 -11.67
C ASP D 55 -14.99 15.85 -11.11
N THR D 56 -14.45 15.75 -9.86
CA THR D 56 -13.73 16.80 -9.16
C THR D 56 -12.33 16.96 -9.80
N VAL D 57 -11.68 18.10 -9.59
CA VAL D 57 -10.34 18.34 -10.14
C VAL D 57 -9.37 17.25 -9.63
N ASP D 58 -9.41 16.95 -8.32
CA ASP D 58 -8.56 15.94 -7.70
C ASP D 58 -8.90 14.52 -8.18
N GLY D 59 -10.17 14.27 -8.52
CA GLY D 59 -10.63 13.00 -9.06
C GLY D 59 -10.05 12.74 -10.46
N LYS D 60 -10.03 13.80 -11.31
CA LYS D 60 -9.47 13.75 -12.66
C LYS D 60 -7.95 13.54 -12.62
N LEU D 61 -7.24 14.27 -11.74
CA LEU D 61 -5.80 14.17 -11.56
C LEU D 61 -5.35 12.80 -10.97
N TYR D 62 -6.20 12.18 -10.14
CA TYR D 62 -5.89 10.86 -9.56
C TYR D 62 -5.88 9.82 -10.68
N LEU D 63 -6.90 9.85 -11.56
CA LEU D 63 -7.03 8.91 -12.67
C LEU D 63 -5.91 9.13 -13.69
N TRP D 64 -5.57 10.39 -13.99
CA TRP D 64 -4.49 10.71 -14.92
C TRP D 64 -3.15 10.17 -14.39
N ARG D 65 -2.93 10.30 -13.08
CA ARG D 65 -1.71 9.83 -12.41
C ARG D 65 -1.62 8.30 -12.44
N GLU D 66 -2.69 7.62 -12.04
CA GLU D 66 -2.79 6.16 -11.94
C GLU D 66 -2.65 5.48 -13.28
N LEU D 67 -3.21 6.10 -14.35
CA LEU D 67 -3.09 5.59 -15.72
C LEU D 67 -1.79 6.04 -16.37
N GLU D 68 -0.95 6.73 -15.60
CA GLU D 68 0.38 7.27 -15.95
C GLU D 68 0.37 8.18 -17.15
N TRP D 69 -0.65 9.04 -17.28
CA TRP D 69 -0.74 10.04 -18.37
C TRP D 69 0.01 11.27 -17.96
N ILE D 70 0.28 11.43 -16.65
CA ILE D 70 1.03 12.52 -16.04
C ILE D 70 2.10 11.96 -15.08
N GLU D 71 3.28 12.59 -15.03
CA GLU D 71 4.38 12.21 -14.12
C GLU D 71 4.30 13.07 -12.84
N CYS D 72 4.17 12.44 -11.67
CA CYS D 72 4.02 13.12 -10.39
C CYS D 72 5.08 12.78 -9.38
N ALA D 73 5.24 13.65 -8.37
CA ALA D 73 6.14 13.39 -7.26
C ALA D 73 5.33 12.57 -6.24
N GLU D 74 5.99 12.07 -5.17
CA GLU D 74 5.41 11.28 -4.09
C GLU D 74 3.93 11.57 -3.73
N ASP D 75 3.70 12.45 -2.77
CA ASP D 75 2.35 12.76 -2.34
C ASP D 75 1.80 14.04 -3.01
N ARG D 76 1.95 14.16 -4.35
CA ARG D 76 1.40 15.29 -5.10
C ARG D 76 1.05 14.92 -6.55
N PHE D 77 0.30 15.79 -7.22
CA PHE D 77 -0.11 15.68 -8.62
C PHE D 77 0.80 16.51 -9.58
N ASN D 78 1.87 17.16 -9.02
CA ASN D 78 2.85 17.98 -9.74
C ASN D 78 4.29 17.49 -9.44
N LYS D 79 5.24 17.78 -10.33
CA LYS D 79 6.64 17.44 -10.06
C LYS D 79 7.55 18.65 -10.25
N ARG D 80 8.71 18.64 -9.60
CA ARG D 80 9.69 19.72 -9.75
C ARG D 80 10.32 19.71 -11.13
N ILE D 81 10.36 20.88 -11.75
CA ILE D 81 10.97 21.12 -13.05
C ILE D 81 12.01 22.26 -12.97
N LYS D 82 12.79 22.49 -14.06
CA LYS D 82 13.77 23.59 -14.17
C LYS D 82 13.67 24.24 -15.56
N ILE D 83 13.35 25.54 -15.59
CA ILE D 83 13.27 26.35 -16.82
C ILE D 83 14.19 27.57 -16.63
N ASP D 84 15.23 27.69 -17.50
CA ASP D 84 16.26 28.74 -17.48
C ASP D 84 16.90 28.90 -16.09
N GLY D 85 17.34 27.78 -15.53
CA GLY D 85 18.00 27.71 -14.23
C GLY D 85 17.13 27.95 -13.01
N GLU D 86 15.80 28.14 -13.20
CA GLU D 86 14.86 28.39 -12.11
C GLU D 86 13.99 27.15 -11.84
N ASN D 87 13.91 26.73 -10.55
CA ASN D 87 13.11 25.59 -10.14
C ASN D 87 11.69 26.04 -9.83
N MET D 88 10.74 25.17 -10.15
CA MET D 88 9.31 25.41 -9.93
C MET D 88 8.58 24.07 -9.98
N TYR D 89 7.27 24.05 -9.69
CA TYR D 89 6.44 22.85 -9.79
C TYR D 89 5.50 23.00 -10.98
N ALA D 90 5.43 21.98 -11.82
CA ALA D 90 4.53 21.96 -12.96
C ALA D 90 3.83 20.62 -13.02
N VAL D 91 2.69 20.58 -13.76
CA VAL D 91 1.95 19.34 -14.05
C VAL D 91 2.61 18.85 -15.35
N VAL D 92 3.23 17.67 -15.31
CA VAL D 92 3.99 17.13 -16.43
C VAL D 92 3.19 16.04 -17.18
N ILE D 93 2.74 16.36 -18.39
CA ILE D 93 1.95 15.46 -19.24
C ILE D 93 2.91 14.71 -20.18
N LYS D 94 2.77 13.36 -20.28
CA LYS D 94 3.59 12.54 -21.19
C LYS D 94 3.11 12.83 -22.59
N TYR D 95 4.02 13.21 -23.49
CA TYR D 95 3.62 13.47 -24.87
C TYR D 95 3.04 12.20 -25.52
N SER D 96 3.66 11.02 -25.22
CA SER D 96 3.25 9.69 -25.66
C SER D 96 1.77 9.51 -25.43
N SER D 97 1.30 9.73 -24.19
CA SER D 97 -0.09 9.59 -23.77
C SER D 97 -0.97 10.48 -24.61
N TYR D 98 -0.66 11.79 -24.61
CA TYR D 98 -1.40 12.77 -25.41
C TYR D 98 -1.55 12.31 -26.84
N SER D 99 -0.45 11.86 -27.47
CA SER D 99 -0.38 11.41 -28.86
C SER D 99 -1.34 10.25 -29.16
N ILE D 100 -1.23 9.16 -28.38
CA ILE D 100 -2.03 7.95 -28.49
C ILE D 100 -3.48 8.32 -28.33
N LEU D 101 -3.81 9.07 -27.26
CA LEU D 101 -5.19 9.49 -27.02
C LEU D 101 -5.72 10.37 -28.14
N LYS D 102 -4.94 11.38 -28.59
CA LYS D 102 -5.36 12.22 -29.72
C LYS D 102 -5.73 11.32 -30.91
N ARG D 103 -4.81 10.37 -31.31
CA ARG D 103 -5.00 9.39 -32.40
C ARG D 103 -6.24 8.52 -32.24
N LEU D 104 -6.75 8.29 -31.01
CA LEU D 104 -7.99 7.50 -30.82
C LEU D 104 -9.22 8.18 -31.40
N TYR D 105 -9.21 9.54 -31.43
CA TYR D 105 -10.31 10.37 -31.95
C TYR D 105 -9.79 11.65 -32.64
N LYS E 7 5.40 -24.27 40.10
CA LYS E 7 4.16 -25.02 40.17
C LYS E 7 3.68 -25.34 41.64
N ASP E 8 4.63 -25.34 42.63
CA ASP E 8 4.30 -25.59 44.03
C ASP E 8 4.41 -24.28 44.79
N LEU E 9 3.25 -23.67 45.02
CA LEU E 9 3.10 -22.39 45.70
C LEU E 9 3.65 -22.42 47.12
N ASN E 10 3.64 -23.60 47.79
CA ASN E 10 4.16 -23.75 49.15
C ASN E 10 5.62 -23.41 49.26
N LEU E 11 6.41 -23.69 48.22
CA LEU E 11 7.84 -23.40 48.23
C LEU E 11 8.11 -21.89 48.41
N TYR E 12 7.30 -21.05 47.71
CA TYR E 12 7.36 -19.58 47.74
C TYR E 12 6.86 -19.04 49.07
N ALA E 13 5.74 -19.59 49.58
CA ALA E 13 5.10 -19.19 50.83
C ALA E 13 5.96 -19.56 52.04
N LYS E 14 6.49 -20.81 52.06
CA LYS E 14 7.37 -21.29 53.13
C LYS E 14 8.64 -20.44 53.17
N GLU E 15 9.21 -20.08 52.01
CA GLU E 15 10.39 -19.20 51.94
C GLU E 15 10.09 -17.82 52.57
N LEU E 16 8.94 -17.20 52.24
CA LEU E 16 8.57 -15.89 52.80
C LEU E 16 8.53 -15.96 54.31
N VAL E 17 7.87 -16.99 54.87
CA VAL E 17 7.78 -17.14 56.33
C VAL E 17 9.14 -17.40 56.93
N ASP E 18 9.94 -18.30 56.32
CA ASP E 18 11.30 -18.66 56.78
C ASP E 18 12.22 -17.45 56.83
N VAL E 19 12.22 -16.63 55.75
CA VAL E 19 13.03 -15.40 55.62
C VAL E 19 12.69 -14.42 56.73
N VAL E 20 11.39 -14.20 56.99
CA VAL E 20 10.93 -13.27 58.02
C VAL E 20 11.27 -13.80 59.41
N ASN E 21 11.11 -15.13 59.62
CA ASN E 21 11.42 -15.77 60.90
C ASN E 21 12.94 -15.65 61.19
N TYR E 22 13.79 -15.89 60.18
CA TYR E 22 15.24 -15.81 60.28
C TYR E 22 15.72 -14.43 60.68
N LEU E 23 15.31 -13.39 59.92
CA LEU E 23 15.69 -12.00 60.17
C LEU E 23 15.09 -11.47 61.47
N MET E 24 13.96 -12.05 61.94
CA MET E 24 13.32 -11.65 63.19
C MET E 24 14.21 -12.06 64.37
N LYS E 25 14.72 -13.32 64.33
CA LYS E 25 15.63 -13.88 65.34
C LYS E 25 16.93 -13.07 65.34
N LYS E 26 17.56 -12.88 64.15
CA LYS E 26 18.81 -12.10 63.99
C LYS E 26 18.60 -10.53 64.13
N ASN E 27 17.41 -10.09 64.63
CA ASN E 27 16.99 -8.69 64.87
C ASN E 27 17.28 -7.72 63.71
N GLN E 28 17.32 -8.23 62.45
CA GLN E 28 17.57 -7.43 61.24
C GLN E 28 16.25 -7.00 60.52
N LEU E 29 15.15 -6.90 61.28
CA LEU E 29 13.82 -6.53 60.77
C LEU E 29 13.35 -5.24 61.45
N VAL E 30 12.79 -4.30 60.64
CA VAL E 30 12.23 -3.02 61.05
C VAL E 30 10.74 -3.00 60.64
N PHE E 31 9.85 -2.38 61.46
CA PHE E 31 8.41 -2.30 61.15
C PHE E 31 7.97 -0.89 60.74
N SER E 32 6.84 -0.80 59.99
CA SER E 32 6.25 0.48 59.60
C SER E 32 5.61 1.09 60.88
N ARG E 33 5.20 2.37 60.85
CA ARG E 33 4.59 3.05 62.00
C ARG E 33 3.32 2.32 62.48
N ASN E 34 2.47 1.87 61.55
CA ASN E 34 1.23 1.13 61.83
C ASN E 34 1.42 -0.39 62.08
N ASN E 35 2.69 -0.86 61.97
CA ASN E 35 3.09 -2.26 62.14
C ASN E 35 2.43 -3.21 61.12
N LYS E 36 1.94 -2.65 59.99
CA LYS E 36 1.29 -3.42 58.91
C LYS E 36 2.30 -3.93 57.86
N PHE E 37 3.55 -3.41 57.92
CA PHE E 37 4.63 -3.75 57.00
C PHE E 37 5.98 -4.00 57.65
N ILE E 38 6.79 -4.87 57.01
CA ILE E 38 8.13 -5.25 57.44
C ILE E 38 9.14 -4.72 56.40
N TYR E 39 10.12 -3.95 56.87
CA TYR E 39 11.17 -3.42 56.01
C TYR E 39 12.42 -4.29 56.13
N VAL E 40 12.90 -4.75 54.97
CA VAL E 40 14.06 -5.63 54.85
C VAL E 40 15.01 -5.00 53.82
N ASN E 41 16.33 -5.08 54.04
CA ASN E 41 17.33 -4.57 53.11
C ASN E 41 17.24 -5.38 51.80
N THR E 42 17.25 -4.68 50.66
CA THR E 42 17.15 -5.29 49.32
C THR E 42 18.20 -6.37 49.07
N GLU E 43 19.47 -6.11 49.43
CA GLU E 43 20.59 -7.02 49.28
C GLU E 43 20.53 -8.27 50.20
N THR E 44 20.10 -8.11 51.46
CA THR E 44 19.96 -9.22 52.38
C THR E 44 18.90 -10.21 51.87
N ILE E 45 17.69 -9.71 51.50
CA ILE E 45 16.60 -10.54 50.98
C ILE E 45 17.01 -11.24 49.69
N LYS E 46 17.65 -10.52 48.73
CA LYS E 46 18.13 -11.09 47.48
C LYS E 46 19.26 -12.13 47.68
N SER E 47 20.06 -11.96 48.75
CA SER E 47 21.15 -12.87 49.10
C SER E 47 20.59 -14.18 49.61
N MET E 48 19.52 -14.11 50.47
CA MET E 48 18.81 -15.24 51.09
C MET E 48 17.97 -16.04 50.10
N LEU E 49 17.45 -15.36 49.07
CA LEU E 49 16.64 -15.98 48.02
C LEU E 49 17.50 -16.76 46.98
N GLU E 50 18.82 -16.55 46.95
CA GLU E 50 19.72 -17.26 46.03
C GLU E 50 19.92 -18.75 46.44
N LYS E 51 19.79 -19.07 47.76
CA LYS E 51 19.98 -20.40 48.33
C LYS E 51 19.11 -21.50 47.67
N ARG E 52 17.78 -21.53 47.94
CA ARG E 52 16.84 -22.54 47.43
C ARG E 52 16.66 -22.41 45.93
N ASN E 53 17.13 -23.41 45.19
CA ASN E 53 17.17 -23.39 43.73
C ASN E 53 15.87 -23.82 43.01
N TYR E 54 14.68 -23.75 43.67
CA TYR E 54 13.42 -24.11 42.98
C TYR E 54 13.03 -23.07 41.91
N ASP E 55 13.51 -21.81 42.08
CA ASP E 55 13.34 -20.67 41.16
C ASP E 55 14.46 -19.65 41.40
N THR E 56 14.64 -18.73 40.45
CA THR E 56 15.63 -17.64 40.52
C THR E 56 15.18 -16.57 41.52
N VAL E 57 16.09 -15.67 41.97
CA VAL E 57 15.70 -14.59 42.89
C VAL E 57 14.62 -13.72 42.23
N ASP E 58 14.82 -13.36 40.95
CA ASP E 58 13.90 -12.57 40.12
C ASP E 58 12.59 -13.29 39.79
N GLY E 59 12.57 -14.61 39.95
CA GLY E 59 11.39 -15.42 39.73
C GLY E 59 10.51 -15.45 40.96
N LYS E 60 11.17 -15.56 42.14
CA LYS E 60 10.54 -15.58 43.45
C LYS E 60 9.96 -14.22 43.78
N LEU E 61 10.74 -13.14 43.53
CA LEU E 61 10.35 -11.75 43.76
C LEU E 61 9.23 -11.29 42.81
N TYR E 62 9.13 -11.90 41.62
CA TYR E 62 8.09 -11.60 40.64
C TYR E 62 6.77 -12.16 41.14
N LEU E 63 6.76 -13.41 41.61
CA LEU E 63 5.57 -14.09 42.15
C LEU E 63 5.09 -13.41 43.43
N TRP E 64 6.02 -13.00 44.32
CA TRP E 64 5.71 -12.32 45.56
C TRP E 64 5.02 -11.00 45.26
N ARG E 65 5.51 -10.27 44.25
CA ARG E 65 4.97 -8.99 43.82
C ARG E 65 3.58 -9.14 43.22
N GLU E 66 3.43 -10.08 42.26
CA GLU E 66 2.18 -10.38 41.56
C GLU E 66 1.07 -10.83 42.50
N LEU E 67 1.41 -11.66 43.52
CA LEU E 67 0.48 -12.14 44.54
C LEU E 67 0.29 -11.11 45.66
N GLU E 68 0.96 -9.95 45.52
CA GLU E 68 0.92 -8.81 46.42
C GLU E 68 1.32 -9.14 47.86
N TRP E 69 2.35 -9.98 48.03
CA TRP E 69 2.87 -10.33 49.35
C TRP E 69 3.89 -9.30 49.76
N ILE E 70 4.40 -8.56 48.77
CA ILE E 70 5.36 -7.48 48.94
C ILE E 70 4.81 -6.23 48.24
N GLU E 71 5.01 -5.05 48.85
CA GLU E 71 4.58 -3.76 48.33
C GLU E 71 5.71 -3.20 47.48
N CYS E 72 5.45 -2.92 46.18
CA CYS E 72 6.48 -2.44 45.25
C CYS E 72 6.13 -1.14 44.55
N ALA E 73 7.18 -0.43 44.12
CA ALA E 73 7.13 0.77 43.32
C ALA E 73 6.91 0.31 41.86
N GLU E 74 6.58 1.24 40.94
CA GLU E 74 6.40 0.93 39.51
C GLU E 74 7.74 0.47 38.95
N ASP E 75 7.75 -0.68 38.25
CA ASP E 75 8.91 -1.33 37.60
C ASP E 75 10.06 -1.70 38.57
N ARG E 76 9.72 -2.13 39.81
CA ARG E 76 10.71 -2.44 40.86
C ARG E 76 10.25 -3.54 41.78
N PHE E 77 11.15 -3.93 42.72
CA PHE E 77 10.87 -4.93 43.75
C PHE E 77 10.89 -4.30 45.14
N ASN E 78 11.22 -2.99 45.18
CA ASN E 78 11.26 -2.22 46.43
C ASN E 78 10.63 -0.81 46.34
N LYS E 79 9.88 -0.48 47.40
CA LYS E 79 9.21 0.78 47.69
C LYS E 79 10.29 1.65 48.40
N ARG E 80 10.09 2.99 48.45
CA ARG E 80 10.97 3.93 49.16
C ARG E 80 10.50 4.05 50.62
N ILE E 81 11.43 4.19 51.58
CA ILE E 81 11.05 4.31 52.99
C ILE E 81 11.79 5.48 53.66
N LYS E 82 11.37 5.85 54.90
CA LYS E 82 12.04 6.85 55.73
C LYS E 82 12.20 6.32 57.18
N ILE E 83 13.45 6.14 57.64
CA ILE E 83 13.79 5.67 58.98
C ILE E 83 14.71 6.72 59.64
N ASP E 84 14.27 7.30 60.78
CA ASP E 84 14.96 8.36 61.54
C ASP E 84 15.36 9.56 60.63
N GLY E 85 14.39 10.01 59.85
CA GLY E 85 14.51 11.13 58.91
C GLY E 85 15.39 10.91 57.69
N GLU E 86 15.88 9.67 57.50
CA GLU E 86 16.76 9.30 56.38
C GLU E 86 16.01 8.42 55.35
N ASN E 87 16.15 8.75 54.05
CA ASN E 87 15.52 7.97 52.98
C ASN E 87 16.42 6.80 52.59
N MET E 88 15.79 5.64 52.36
CA MET E 88 16.43 4.39 51.97
C MET E 88 15.44 3.50 51.19
N TYR E 89 15.97 2.60 50.33
CA TYR E 89 15.17 1.65 49.53
C TYR E 89 15.09 0.31 50.25
N ALA E 90 13.88 -0.14 50.63
CA ALA E 90 13.70 -1.42 51.32
C ALA E 90 12.65 -2.27 50.62
N VAL E 91 12.73 -3.59 50.82
CA VAL E 91 11.73 -4.54 50.34
C VAL E 91 10.70 -4.57 51.48
N VAL E 92 9.44 -4.16 51.20
CA VAL E 92 8.39 -4.10 52.20
C VAL E 92 7.43 -5.29 52.09
N ILE E 93 7.49 -6.18 53.08
CA ILE E 93 6.65 -7.38 53.19
C ILE E 93 5.39 -7.02 53.97
N LYS E 94 4.20 -7.42 53.44
CA LYS E 94 2.92 -7.17 54.13
C LYS E 94 2.88 -8.06 55.34
N TYR E 95 2.64 -7.50 56.54
CA TYR E 95 2.57 -8.34 57.73
C TYR E 95 1.40 -9.33 57.64
N SER E 96 0.24 -8.87 57.08
CA SER E 96 -0.96 -9.67 56.88
C SER E 96 -0.67 -10.94 56.07
N SER E 97 0.14 -10.82 54.99
CA SER E 97 0.55 -11.94 54.15
C SER E 97 1.41 -12.93 54.95
N TYR E 98 2.39 -12.42 55.69
CA TYR E 98 3.27 -13.22 56.55
C TYR E 98 2.49 -13.98 57.61
N SER E 99 1.62 -13.27 58.38
CA SER E 99 0.82 -13.87 59.47
C SER E 99 -0.05 -15.01 59.01
N ILE E 100 -0.86 -14.80 57.94
CA ILE E 100 -1.71 -15.88 57.44
C ILE E 100 -0.87 -17.08 57.05
N LEU E 101 0.16 -16.87 56.21
CA LEU E 101 1.03 -17.96 55.73
C LEU E 101 1.71 -18.71 56.91
N LYS E 102 2.22 -17.99 57.93
CA LYS E 102 2.83 -18.60 59.13
C LYS E 102 1.81 -19.48 59.86
N ARG E 103 0.57 -18.97 60.05
CA ARG E 103 -0.53 -19.68 60.71
C ARG E 103 -0.83 -21.02 60.00
N LEU E 104 -0.80 -21.00 58.66
CA LEU E 104 -1.04 -22.16 57.81
C LEU E 104 -0.02 -23.29 58.04
N TYR E 105 1.26 -22.93 58.24
CA TYR E 105 2.32 -23.91 58.47
C TYR E 105 2.62 -24.18 59.98
N LEU E 106 1.98 -23.43 60.92
CA LEU E 106 2.14 -23.61 62.37
C LEU E 106 1.33 -24.81 62.88
N LYS F 7 -2.38 -27.14 55.83
CA LYS F 7 -0.95 -27.39 55.70
C LYS F 7 -0.41 -27.30 54.24
N ASP F 8 -1.32 -27.30 53.23
CA ASP F 8 -1.00 -27.23 51.78
C ASP F 8 -1.75 -26.07 51.14
N LEU F 9 -1.05 -24.98 50.84
CA LEU F 9 -1.59 -23.78 50.24
C LEU F 9 -2.26 -24.02 48.87
N ASN F 10 -1.79 -25.03 48.13
CA ASN F 10 -2.32 -25.37 46.81
C ASN F 10 -3.78 -25.84 46.89
N LEU F 11 -4.20 -26.46 47.99
CA LEU F 11 -5.58 -26.91 48.17
C LEU F 11 -6.54 -25.74 48.14
N TYR F 12 -6.16 -24.61 48.78
CA TYR F 12 -6.92 -23.36 48.84
C TYR F 12 -6.94 -22.66 47.48
N ALA F 13 -5.78 -22.61 46.80
CA ALA F 13 -5.64 -21.96 45.49
C ALA F 13 -6.39 -22.74 44.41
N LYS F 14 -6.24 -24.09 44.40
CA LYS F 14 -6.91 -24.97 43.45
C LYS F 14 -8.43 -24.85 43.64
N GLU F 15 -8.93 -24.79 44.91
CA GLU F 15 -10.36 -24.60 45.20
C GLU F 15 -10.88 -23.29 44.62
N LEU F 16 -10.16 -22.18 44.81
CA LEU F 16 -10.59 -20.89 44.26
C LEU F 16 -10.78 -20.97 42.75
N VAL F 17 -9.80 -21.57 42.03
CA VAL F 17 -9.86 -21.73 40.58
C VAL F 17 -11.02 -22.68 40.21
N ASP F 18 -11.14 -23.83 40.90
CA ASP F 18 -12.20 -24.81 40.66
C ASP F 18 -13.60 -24.23 40.86
N VAL F 19 -13.79 -23.43 41.94
CA VAL F 19 -15.05 -22.75 42.26
C VAL F 19 -15.44 -21.81 41.11
N VAL F 20 -14.50 -20.98 40.64
CA VAL F 20 -14.73 -20.01 39.55
C VAL F 20 -14.98 -20.74 38.22
N ASN F 21 -14.27 -21.83 37.98
CA ASN F 21 -14.44 -22.64 36.78
C ASN F 21 -15.84 -23.26 36.78
N TYR F 22 -16.27 -23.79 37.94
CA TYR F 22 -17.57 -24.42 38.15
C TYR F 22 -18.77 -23.49 37.91
N LEU F 23 -18.71 -22.27 38.42
CA LEU F 23 -19.77 -21.29 38.27
C LEU F 23 -19.71 -20.63 36.90
N MET F 24 -18.54 -20.63 36.25
CA MET F 24 -18.38 -20.03 34.91
C MET F 24 -19.11 -20.91 33.90
N LYS F 25 -18.92 -22.24 34.00
CA LYS F 25 -19.59 -23.20 33.13
C LYS F 25 -21.10 -23.15 33.34
N LYS F 26 -21.55 -23.23 34.61
CA LYS F 26 -22.97 -23.16 34.98
C LYS F 26 -23.59 -21.73 34.87
N ASN F 27 -22.86 -20.77 34.23
CA ASN F 27 -23.24 -19.36 33.98
C ASN F 27 -23.79 -18.59 35.22
N GLN F 28 -23.37 -18.99 36.44
CA GLN F 28 -23.79 -18.38 37.72
C GLN F 28 -22.77 -17.33 38.26
N LEU F 29 -22.03 -16.70 37.34
CA LEU F 29 -21.00 -15.70 37.59
C LEU F 29 -21.48 -14.32 37.10
N VAL F 30 -21.31 -13.29 37.96
CA VAL F 30 -21.65 -11.89 37.68
C VAL F 30 -20.33 -11.13 37.81
N PHE F 31 -20.08 -10.16 36.93
CA PHE F 31 -18.85 -9.39 36.96
C PHE F 31 -19.04 -7.94 37.39
N SER F 32 -17.97 -7.31 37.88
CA SER F 32 -17.96 -5.91 38.24
C SER F 32 -17.99 -5.11 36.93
N ARG F 33 -18.23 -3.79 36.99
CA ARG F 33 -18.29 -2.88 35.82
C ARG F 33 -17.00 -2.99 34.97
N ASN F 34 -15.82 -2.97 35.62
CA ASN F 34 -14.48 -3.04 35.00
C ASN F 34 -14.01 -4.47 34.70
N ASN F 35 -14.84 -5.49 35.04
CA ASN F 35 -14.57 -6.93 34.84
C ASN F 35 -13.33 -7.43 35.64
N LYS F 36 -12.90 -6.66 36.64
CA LYS F 36 -11.74 -6.97 37.49
C LYS F 36 -12.12 -7.85 38.70
N PHE F 37 -13.46 -8.00 38.95
CA PHE F 37 -14.02 -8.76 40.07
C PHE F 37 -15.18 -9.64 39.71
N ILE F 38 -15.32 -10.75 40.44
CA ILE F 38 -16.37 -11.76 40.26
C ILE F 38 -17.29 -11.74 41.50
N TYR F 39 -18.59 -11.57 41.30
CA TYR F 39 -19.57 -11.59 42.38
C TYR F 39 -20.24 -12.96 42.42
N VAL F 40 -20.23 -13.55 43.61
CA VAL F 40 -20.81 -14.85 43.89
C VAL F 40 -21.71 -14.69 45.15
N ASN F 41 -22.84 -15.40 45.18
CA ASN F 41 -23.76 -15.37 46.32
C ASN F 41 -23.07 -16.02 47.52
N THR F 42 -23.19 -15.39 48.70
CA THR F 42 -22.54 -15.85 49.92
C THR F 42 -22.91 -17.28 50.30
N GLU F 43 -24.19 -17.64 50.11
CA GLU F 43 -24.73 -18.97 50.46
C GLU F 43 -24.22 -20.04 49.54
N THR F 44 -24.23 -19.77 48.22
CA THR F 44 -23.76 -20.70 47.20
C THR F 44 -22.31 -21.05 47.45
N ILE F 45 -21.44 -20.03 47.63
CA ILE F 45 -20.01 -20.22 47.85
C ILE F 45 -19.75 -21.00 49.16
N LYS F 46 -20.47 -20.68 50.25
CA LYS F 46 -20.36 -21.39 51.53
C LYS F 46 -20.81 -22.84 51.43
N SER F 47 -21.75 -23.14 50.53
CA SER F 47 -22.23 -24.51 50.34
C SER F 47 -21.17 -25.33 49.57
N MET F 48 -20.59 -24.74 48.52
CA MET F 48 -19.54 -25.35 47.68
C MET F 48 -18.26 -25.61 48.47
N LEU F 49 -17.94 -24.74 49.43
CA LEU F 49 -16.75 -24.86 50.27
C LEU F 49 -16.91 -25.93 51.36
N GLU F 50 -18.14 -26.43 51.58
CA GLU F 50 -18.43 -27.46 52.59
C GLU F 50 -17.91 -28.83 52.16
N LYS F 51 -17.91 -29.11 50.82
CA LYS F 51 -17.53 -30.38 50.20
C LYS F 51 -16.11 -30.86 50.60
N ARG F 52 -15.04 -30.18 50.14
CA ARG F 52 -13.64 -30.55 50.45
C ARG F 52 -13.30 -30.28 51.92
N ASN F 53 -13.13 -31.35 52.71
CA ASN F 53 -12.96 -31.19 54.14
C ASN F 53 -11.49 -31.00 54.60
N TYR F 54 -10.60 -30.42 53.76
CA TYR F 54 -9.21 -30.12 54.20
C TYR F 54 -9.16 -28.98 55.25
N ASP F 55 -10.19 -28.10 55.22
CA ASP F 55 -10.42 -26.99 56.15
C ASP F 55 -11.90 -26.65 56.15
N THR F 56 -12.35 -25.91 57.19
CA THR F 56 -13.73 -25.46 57.36
C THR F 56 -14.00 -24.32 56.37
N VAL F 57 -15.29 -24.03 56.11
CA VAL F 57 -15.67 -22.95 55.18
C VAL F 57 -15.06 -21.64 55.67
N ASP F 58 -15.18 -21.33 56.98
CA ASP F 58 -14.64 -20.12 57.60
C ASP F 58 -13.10 -20.09 57.58
N GLY F 59 -12.46 -21.26 57.68
CA GLY F 59 -11.02 -21.36 57.60
C GLY F 59 -10.48 -21.00 56.22
N LYS F 60 -11.19 -21.46 55.17
CA LYS F 60 -10.87 -21.21 53.76
C LYS F 60 -11.07 -19.73 53.45
N LEU F 61 -12.19 -19.15 53.89
CA LEU F 61 -12.48 -17.74 53.65
C LEU F 61 -11.55 -16.77 54.41
N TYR F 62 -11.01 -17.19 55.58
CA TYR F 62 -10.08 -16.37 56.36
C TYR F 62 -8.77 -16.25 55.56
N LEU F 63 -8.25 -17.38 55.04
CA LEU F 63 -7.02 -17.42 54.27
C LEU F 63 -7.16 -16.64 52.96
N TRP F 64 -8.30 -16.80 52.26
CA TRP F 64 -8.58 -16.11 51.01
C TRP F 64 -8.60 -14.60 51.24
N ARG F 65 -9.20 -14.16 52.35
CA ARG F 65 -9.32 -12.75 52.73
C ARG F 65 -7.94 -12.14 53.05
N GLU F 66 -7.16 -12.84 53.91
CA GLU F 66 -5.84 -12.41 54.37
C GLU F 66 -4.82 -12.35 53.24
N LEU F 67 -4.89 -13.30 52.29
CA LEU F 67 -4.01 -13.31 51.11
C LEU F 67 -4.56 -12.39 50.01
N GLU F 68 -5.68 -11.71 50.29
CA GLU F 68 -6.36 -10.75 49.45
C GLU F 68 -6.78 -11.31 48.10
N TRP F 69 -7.28 -12.56 48.08
CA TRP F 69 -7.80 -13.18 46.86
C TRP F 69 -9.28 -12.80 46.71
N ILE F 70 -9.90 -12.38 47.81
CA ILE F 70 -11.28 -11.90 47.89
C ILE F 70 -11.31 -10.52 48.60
N GLU F 71 -12.19 -9.63 48.16
CA GLU F 71 -12.37 -8.32 48.78
C GLU F 71 -13.50 -8.39 49.81
N CYS F 72 -13.19 -8.05 51.08
CA CYS F 72 -14.17 -8.13 52.19
C CYS F 72 -14.32 -6.86 52.95
N ALA F 73 -15.41 -6.73 53.71
CA ALA F 73 -15.65 -5.65 54.65
C ALA F 73 -14.87 -5.99 55.95
N GLU F 74 -14.69 -5.04 56.88
CA GLU F 74 -13.94 -5.30 58.12
C GLU F 74 -14.61 -6.41 58.95
N ASP F 75 -13.81 -7.42 59.37
CA ASP F 75 -14.19 -8.61 60.15
C ASP F 75 -15.40 -9.39 59.56
N ARG F 76 -15.53 -9.41 58.21
CA ARG F 76 -16.57 -10.10 57.45
C ARG F 76 -15.91 -10.83 56.27
N PHE F 77 -16.66 -11.71 55.58
CA PHE F 77 -16.12 -12.45 54.44
C PHE F 77 -16.79 -12.04 53.13
N ASN F 78 -17.69 -11.07 53.20
CA ASN F 78 -18.37 -10.54 52.03
C ASN F 78 -18.43 -9.03 52.07
N LYS F 79 -18.76 -8.42 50.95
CA LYS F 79 -18.87 -6.98 50.94
C LYS F 79 -20.12 -6.54 50.24
N ARG F 80 -20.50 -5.29 50.49
CA ARG F 80 -21.68 -4.69 49.86
C ARG F 80 -21.44 -4.36 48.40
N ILE F 81 -22.43 -4.75 47.56
CA ILE F 81 -22.43 -4.50 46.13
C ILE F 81 -23.70 -3.77 45.73
N LYS F 82 -23.69 -3.14 44.53
CA LYS F 82 -24.86 -2.49 43.90
C LYS F 82 -25.01 -2.99 42.45
N ILE F 83 -26.14 -3.70 42.17
CA ILE F 83 -26.49 -4.22 40.85
C ILE F 83 -27.87 -3.70 40.51
N ASP F 84 -27.97 -2.92 39.40
CA ASP F 84 -29.16 -2.24 38.88
C ASP F 84 -29.89 -1.47 40.00
N GLY F 85 -29.12 -0.62 40.67
CA GLY F 85 -29.59 0.25 41.75
C GLY F 85 -30.01 -0.41 43.04
N GLU F 86 -29.83 -1.75 43.15
CA GLU F 86 -30.18 -2.50 44.36
C GLU F 86 -28.93 -2.92 45.14
N ASN F 87 -28.94 -2.69 46.47
CA ASN F 87 -27.81 -3.06 47.34
C ASN F 87 -27.96 -4.51 47.81
N MET F 88 -26.85 -5.28 47.85
CA MET F 88 -26.78 -6.68 48.32
C MET F 88 -25.42 -6.99 48.91
N TYR F 89 -25.26 -8.21 49.42
CA TYR F 89 -23.95 -8.67 49.85
C TYR F 89 -23.53 -9.85 48.97
N ALA F 90 -22.29 -9.79 48.46
CA ALA F 90 -21.73 -10.86 47.64
C ALA F 90 -20.30 -11.14 48.10
N VAL F 91 -19.78 -12.33 47.75
CA VAL F 91 -18.39 -12.73 47.97
C VAL F 91 -17.72 -12.27 46.67
N VAL F 92 -16.77 -11.33 46.79
CA VAL F 92 -16.11 -10.69 45.65
C VAL F 92 -14.70 -11.25 45.43
N ILE F 93 -14.52 -12.06 44.35
CA ILE F 93 -13.23 -12.67 43.99
C ILE F 93 -12.48 -11.77 43.01
N LYS F 94 -11.17 -11.50 43.27
CA LYS F 94 -10.34 -10.69 42.37
C LYS F 94 -10.08 -11.52 41.14
N TYR F 95 -10.36 -10.98 39.94
CA TYR F 95 -10.07 -11.73 38.71
C TYR F 95 -8.57 -11.96 38.53
N SER F 96 -7.74 -10.95 38.90
CA SER F 96 -6.27 -11.02 38.87
C SER F 96 -5.74 -12.22 39.67
N SER F 97 -6.30 -12.47 40.86
CA SER F 97 -5.95 -13.58 41.71
C SER F 97 -6.30 -14.91 41.05
N TYR F 98 -7.52 -14.99 40.46
CA TYR F 98 -7.99 -16.17 39.74
C TYR F 98 -7.09 -16.49 38.55
N SER F 99 -6.82 -15.49 37.65
CA SER F 99 -5.99 -15.66 36.47
C SER F 99 -4.57 -16.08 36.81
N ILE F 100 -3.88 -15.38 37.79
CA ILE F 100 -2.52 -15.72 38.28
C ILE F 100 -2.48 -17.19 38.70
N LEU F 101 -3.41 -17.60 39.59
CA LEU F 101 -3.49 -18.95 40.13
C LEU F 101 -3.85 -20.02 39.09
N LYS F 102 -4.77 -19.72 38.13
CA LYS F 102 -5.16 -20.66 37.08
C LYS F 102 -3.92 -20.87 36.19
N ARG F 103 -3.19 -19.78 35.91
CA ARG F 103 -1.96 -19.78 35.12
C ARG F 103 -0.74 -20.25 35.96
N LEU F 104 -0.90 -21.31 36.76
CA LEU F 104 0.18 -21.85 37.61
C LEU F 104 -0.08 -23.31 38.00
N TYR F 105 -1.02 -23.97 37.31
CA TYR F 105 -1.35 -25.39 37.47
C TYR F 105 -1.70 -25.90 36.07
N LEU F 106 -2.85 -25.42 35.53
CA LEU F 106 -3.32 -25.68 34.18
C LEU F 106 -2.67 -24.56 33.32
N GLU F 107 -1.33 -24.64 33.17
CA GLU F 107 -0.51 -23.71 32.39
C GLU F 107 -0.81 -23.85 30.90
N LYS G 7 -20.21 -14.76 22.47
CA LYS G 7 -19.35 -15.92 22.24
C LYS G 7 -19.08 -16.21 20.75
N ASP G 8 -19.79 -15.52 19.80
CA ASP G 8 -19.54 -15.69 18.36
C ASP G 8 -18.87 -14.44 17.79
N LEU G 9 -17.54 -14.54 17.58
CA LEU G 9 -16.67 -13.48 17.08
C LEU G 9 -17.01 -12.98 15.70
N ASN G 10 -17.78 -13.79 14.92
CA ASN G 10 -18.19 -13.43 13.56
C ASN G 10 -19.25 -12.35 13.58
N LEU G 11 -20.13 -12.36 14.59
CA LEU G 11 -21.20 -11.34 14.71
C LEU G 11 -20.61 -9.92 14.86
N TYR G 12 -19.57 -9.77 15.70
CA TYR G 12 -18.85 -8.52 15.95
C TYR G 12 -18.03 -8.06 14.73
N ALA G 13 -17.35 -9.00 14.05
CA ALA G 13 -16.47 -8.73 12.92
C ALA G 13 -17.23 -8.49 11.64
N LYS G 14 -18.37 -9.16 11.47
CA LYS G 14 -19.25 -8.91 10.32
C LYS G 14 -19.85 -7.52 10.49
N GLU G 15 -20.27 -7.13 11.73
CA GLU G 15 -20.80 -5.81 12.03
C GLU G 15 -19.80 -4.71 11.70
N LEU G 16 -18.53 -4.85 12.12
CA LEU G 16 -17.49 -3.86 11.83
C LEU G 16 -17.36 -3.64 10.32
N VAL G 17 -17.31 -4.73 9.54
CA VAL G 17 -17.18 -4.62 8.09
C VAL G 17 -18.45 -4.00 7.48
N ASP G 18 -19.64 -4.44 7.91
CA ASP G 18 -20.93 -3.92 7.44
C ASP G 18 -21.09 -2.41 7.70
N VAL G 19 -20.78 -1.94 8.91
CA VAL G 19 -20.89 -0.52 9.27
C VAL G 19 -19.87 0.36 8.51
N VAL G 20 -18.66 -0.17 8.18
CA VAL G 20 -17.67 0.57 7.38
C VAL G 20 -18.12 0.61 5.94
N ASN G 21 -18.69 -0.51 5.44
CA ASN G 21 -19.20 -0.62 4.07
C ASN G 21 -20.36 0.34 3.85
N TYR G 22 -21.31 0.40 4.82
CA TYR G 22 -22.49 1.25 4.77
C TYR G 22 -22.12 2.72 4.70
N LEU G 23 -21.28 3.18 5.63
CA LEU G 23 -20.85 4.57 5.69
C LEU G 23 -19.94 4.96 4.53
N MET G 24 -19.25 3.97 3.90
CA MET G 24 -18.39 4.23 2.75
C MET G 24 -19.26 4.59 1.54
N LYS G 25 -20.35 3.80 1.32
CA LYS G 25 -21.33 4.02 0.26
C LYS G 25 -22.00 5.38 0.47
N LYS G 26 -22.56 5.63 1.68
CA LYS G 26 -23.22 6.90 2.05
C LYS G 26 -22.24 8.10 2.25
N ASN G 27 -20.95 7.96 1.85
CA ASN G 27 -19.87 8.95 1.92
C ASN G 27 -19.69 9.66 3.28
N GLN G 28 -20.08 8.99 4.38
CA GLN G 28 -19.97 9.51 5.74
C GLN G 28 -18.68 9.00 6.47
N LEU G 29 -17.62 8.68 5.69
CA LEU G 29 -16.34 8.18 6.20
C LEU G 29 -15.21 9.12 5.80
N VAL G 30 -14.32 9.44 6.76
CA VAL G 30 -13.13 10.28 6.60
C VAL G 30 -11.89 9.46 6.97
N PHE G 31 -10.74 9.70 6.31
CA PHE G 31 -9.51 8.95 6.57
C PHE G 31 -8.43 9.76 7.24
N SER G 32 -7.50 9.08 7.94
CA SER G 32 -6.34 9.72 8.56
C SER G 32 -5.39 10.13 7.43
N ARG G 33 -4.35 10.94 7.74
CA ARG G 33 -3.36 11.43 6.76
C ARG G 33 -2.72 10.26 5.99
N ASN G 34 -2.28 9.20 6.73
CA ASN G 34 -1.63 7.99 6.20
C ASN G 34 -2.59 6.93 5.64
N ASN G 35 -3.91 7.20 5.72
CA ASN G 35 -5.00 6.31 5.28
C ASN G 35 -5.04 4.97 6.06
N LYS G 36 -4.37 4.92 7.24
CA LYS G 36 -4.32 3.73 8.10
C LYS G 36 -5.52 3.64 9.07
N PHE G 37 -6.29 4.73 9.19
CA PHE G 37 -7.45 4.85 10.08
C PHE G 37 -8.67 5.50 9.45
N ILE G 38 -9.84 5.08 9.93
CA ILE G 38 -11.15 5.57 9.49
C ILE G 38 -11.80 6.34 10.64
N TYR G 39 -12.19 7.59 10.41
CA TYR G 39 -12.86 8.38 11.42
C TYR G 39 -14.36 8.35 11.16
N VAL G 40 -15.13 7.95 12.18
CA VAL G 40 -16.59 7.84 12.14
C VAL G 40 -17.16 8.64 13.33
N ASN G 41 -18.33 9.28 13.13
CA ASN G 41 -19.00 10.04 14.17
C ASN G 41 -19.46 9.06 15.27
N THR G 42 -19.20 9.40 16.54
CA THR G 42 -19.50 8.53 17.68
C THR G 42 -21.00 8.26 17.84
N GLU G 43 -21.90 9.20 17.41
CA GLU G 43 -23.36 9.06 17.47
C GLU G 43 -23.89 8.15 16.36
N THR G 44 -23.39 8.33 15.11
CA THR G 44 -23.78 7.51 13.97
C THR G 44 -23.47 6.05 14.26
N ILE G 45 -22.23 5.72 14.68
CA ILE G 45 -21.79 4.37 14.97
C ILE G 45 -22.63 3.75 16.11
N LYS G 46 -22.90 4.51 17.18
CA LYS G 46 -23.70 4.04 18.31
C LYS G 46 -25.16 3.81 17.93
N SER G 47 -25.67 4.55 16.94
CA SER G 47 -27.05 4.38 16.45
C SER G 47 -27.14 3.08 15.63
N MET G 48 -26.14 2.83 14.75
CA MET G 48 -26.03 1.65 13.89
C MET G 48 -25.85 0.36 14.68
N LEU G 49 -25.15 0.45 15.82
CA LEU G 49 -24.89 -0.70 16.70
C LEU G 49 -26.13 -1.07 17.55
N GLU G 50 -27.16 -0.20 17.58
CA GLU G 50 -28.41 -0.45 18.32
C GLU G 50 -29.29 -1.53 17.65
N LYS G 51 -29.26 -1.61 16.29
CA LYS G 51 -30.03 -2.52 15.45
C LYS G 51 -29.89 -4.02 15.83
N ARG G 52 -28.73 -4.65 15.59
CA ARG G 52 -28.48 -6.07 15.89
C ARG G 52 -28.39 -6.33 17.38
N ASN G 53 -29.39 -7.04 17.92
CA ASN G 53 -29.52 -7.24 19.36
C ASN G 53 -28.76 -8.46 19.95
N TYR G 54 -27.62 -8.88 19.32
CA TYR G 54 -26.78 -9.96 19.90
C TYR G 54 -26.02 -9.50 21.15
N ASP G 55 -25.78 -8.18 21.25
CA ASP G 55 -25.14 -7.49 22.38
C ASP G 55 -25.61 -6.01 22.41
N THR G 56 -25.38 -5.32 23.55
CA THR G 56 -25.67 -3.90 23.76
C THR G 56 -24.61 -3.06 23.03
N VAL G 57 -24.90 -1.78 22.73
CA VAL G 57 -23.92 -0.90 22.05
C VAL G 57 -22.61 -0.83 22.82
N ASP G 58 -22.68 -0.92 24.17
CA ASP G 58 -21.52 -0.90 25.06
C ASP G 58 -20.64 -2.13 24.93
N GLY G 59 -21.23 -3.32 24.99
CA GLY G 59 -20.51 -4.59 24.86
C GLY G 59 -19.78 -4.76 23.54
N LYS G 60 -20.43 -4.30 22.45
CA LYS G 60 -19.88 -4.36 21.09
C LYS G 60 -18.64 -3.48 21.00
N LEU G 61 -18.72 -2.25 21.51
CA LEU G 61 -17.60 -1.29 21.56
C LEU G 61 -16.50 -1.69 22.57
N TYR G 62 -16.85 -2.50 23.56
CA TYR G 62 -15.88 -3.00 24.54
C TYR G 62 -15.01 -4.08 23.89
N LEU G 63 -15.62 -5.05 23.16
CA LEU G 63 -14.92 -6.13 22.45
C LEU G 63 -14.03 -5.60 21.31
N TRP G 64 -14.52 -4.63 20.52
CA TRP G 64 -13.77 -4.02 19.43
C TRP G 64 -12.54 -3.33 20.01
N ARG G 65 -12.69 -2.63 21.16
CA ARG G 65 -11.60 -1.93 21.83
C ARG G 65 -10.56 -2.92 22.35
N GLU G 66 -11.02 -3.96 23.08
CA GLU G 66 -10.17 -5.03 23.65
C GLU G 66 -9.38 -5.80 22.58
N LEU G 67 -10.01 -6.08 21.41
CA LEU G 67 -9.35 -6.75 20.30
C LEU G 67 -8.53 -5.78 19.44
N GLU G 68 -8.51 -4.50 19.86
CA GLU G 68 -7.80 -3.40 19.23
C GLU G 68 -8.17 -3.17 17.77
N TRP G 69 -9.47 -3.27 17.43
CA TRP G 69 -9.98 -3.01 16.09
C TRP G 69 -10.25 -1.54 15.95
N ILE G 70 -10.37 -0.84 17.08
CA ILE G 70 -10.58 0.60 17.19
C ILE G 70 -9.55 1.20 18.15
N GLU G 71 -9.04 2.40 17.84
CA GLU G 71 -8.10 3.15 18.69
C GLU G 71 -8.87 4.10 19.61
N CYS G 72 -8.72 3.93 20.93
CA CYS G 72 -9.45 4.69 21.95
C CYS G 72 -8.53 5.43 22.87
N ALA G 73 -9.06 6.45 23.54
CA ALA G 73 -8.30 7.16 24.56
C ALA G 73 -8.51 6.39 25.87
N GLU G 74 -7.78 6.75 26.95
CA GLU G 74 -7.95 6.07 28.26
C GLU G 74 -9.37 6.33 28.78
N ASP G 75 -10.08 5.25 29.23
CA ASP G 75 -11.45 5.25 29.79
C ASP G 75 -12.51 5.72 28.80
N ARG G 76 -12.32 5.41 27.51
CA ARG G 76 -13.16 5.95 26.44
C ARG G 76 -13.30 5.00 25.26
N PHE G 77 -14.35 5.17 24.40
CA PHE G 77 -14.54 4.37 23.17
C PHE G 77 -14.15 5.16 21.90
N ASN G 78 -13.71 6.43 22.10
CA ASN G 78 -13.31 7.33 21.02
C ASN G 78 -12.07 8.12 21.37
N LYS G 79 -11.47 8.77 20.35
CA LYS G 79 -10.29 9.57 20.60
C LYS G 79 -10.39 10.93 19.92
N ARG G 80 -9.62 11.93 20.39
CA ARG G 80 -9.57 13.27 19.79
C ARG G 80 -8.84 13.27 18.44
N ILE G 81 -9.49 13.88 17.44
CA ILE G 81 -8.96 14.03 16.09
C ILE G 81 -8.95 15.50 15.68
N LYS G 82 -8.34 15.82 14.52
CA LYS G 82 -8.31 17.17 13.95
C LYS G 82 -8.56 17.11 12.43
N ILE G 83 -9.65 17.76 11.98
CA ILE G 83 -10.00 17.85 10.55
C ILE G 83 -10.18 19.33 10.23
N ASP G 84 -9.38 19.84 9.27
CA ASP G 84 -9.35 21.22 8.81
C ASP G 84 -9.22 22.21 10.00
N GLY G 85 -8.24 21.93 10.86
CA GLY G 85 -7.91 22.73 12.02
C GLY G 85 -8.91 22.73 13.16
N GLU G 86 -9.98 21.91 13.04
CA GLU G 86 -11.04 21.80 14.06
C GLU G 86 -10.89 20.48 14.83
N ASN G 87 -10.95 20.55 16.17
CA ASN G 87 -10.87 19.38 17.02
C ASN G 87 -12.24 18.82 17.24
N MET G 88 -12.32 17.50 17.33
CA MET G 88 -13.54 16.77 17.60
C MET G 88 -13.17 15.37 18.11
N TYR G 89 -14.19 14.59 18.53
CA TYR G 89 -14.00 13.21 18.95
C TYR G 89 -14.62 12.31 17.88
N ALA G 90 -13.87 11.29 17.48
CA ALA G 90 -14.36 10.33 16.52
C ALA G 90 -14.02 8.93 16.99
N VAL G 91 -14.77 7.91 16.47
CA VAL G 91 -14.51 6.49 16.67
C VAL G 91 -13.54 6.18 15.55
N VAL G 92 -12.32 5.77 15.89
CA VAL G 92 -11.35 5.58 14.83
C VAL G 92 -11.05 4.09 14.67
N ILE G 93 -11.45 3.58 13.51
CA ILE G 93 -11.32 2.17 13.11
C ILE G 93 -10.00 1.97 12.39
N LYS G 94 -9.22 0.91 12.76
CA LYS G 94 -7.96 0.57 12.10
C LYS G 94 -8.32 0.04 10.72
N TYR G 95 -7.74 0.60 9.65
CA TYR G 95 -8.03 0.10 8.31
C TYR G 95 -7.55 -1.34 8.16
N SER G 96 -6.36 -1.68 8.73
CA SER G 96 -5.78 -3.03 8.72
C SER G 96 -6.74 -4.09 9.21
N SER G 97 -7.46 -3.81 10.31
CA SER G 97 -8.45 -4.69 10.93
C SER G 97 -9.69 -4.83 10.04
N TYR G 98 -10.13 -3.73 9.41
CA TYR G 98 -11.26 -3.76 8.47
C TYR G 98 -10.91 -4.58 7.21
N SER G 99 -9.73 -4.28 6.61
CA SER G 99 -9.18 -4.85 5.40
C SER G 99 -9.10 -6.36 5.43
N ILE G 100 -8.54 -6.95 6.53
CA ILE G 100 -8.40 -8.41 6.69
C ILE G 100 -9.75 -9.04 7.01
N LEU G 101 -10.55 -8.43 7.87
CA LEU G 101 -11.86 -8.98 8.13
C LEU G 101 -12.73 -9.02 6.87
N LYS G 102 -12.71 -7.96 6.04
CA LYS G 102 -13.47 -7.89 4.79
C LYS G 102 -13.05 -9.01 3.82
N ARG G 103 -11.73 -9.21 3.60
CA ARG G 103 -11.23 -10.27 2.71
C ARG G 103 -11.69 -11.67 3.18
N LEU G 104 -11.74 -11.90 4.53
CA LEU G 104 -12.18 -13.14 5.16
C LEU G 104 -13.65 -13.47 4.79
N TYR G 105 -14.53 -12.47 4.74
CA TYR G 105 -15.94 -12.67 4.40
C TYR G 105 -16.30 -12.45 2.91
N LEU G 106 -15.29 -12.18 2.06
CA LEU G 106 -15.42 -11.98 0.61
C LEU G 106 -15.36 -13.33 -0.11
N ASP H 8 -15.06 -18.14 8.66
CA ASP H 8 -15.23 -18.19 10.11
C ASP H 8 -13.96 -17.80 10.89
N LEU H 9 -14.06 -16.69 11.63
CA LEU H 9 -12.99 -16.10 12.44
C LEU H 9 -12.67 -16.93 13.68
N ASN H 10 -13.69 -17.61 14.27
CA ASN H 10 -13.51 -18.42 15.47
C ASN H 10 -12.49 -19.53 15.28
N LEU H 11 -12.37 -20.05 14.05
CA LEU H 11 -11.43 -21.12 13.79
C LEU H 11 -9.98 -20.66 13.99
N TYR H 12 -9.69 -19.43 13.56
CA TYR H 12 -8.38 -18.80 13.69
C TYR H 12 -8.08 -18.46 15.13
N ALA H 13 -9.07 -17.92 15.85
CA ALA H 13 -8.96 -17.52 17.27
C ALA H 13 -8.82 -18.73 18.18
N LYS H 14 -9.67 -19.77 17.95
CA LYS H 14 -9.61 -21.00 18.73
C LYS H 14 -8.25 -21.70 18.51
N GLU H 15 -7.71 -21.71 17.25
CA GLU H 15 -6.39 -22.28 16.96
C GLU H 15 -5.30 -21.57 17.74
N LEU H 16 -5.29 -20.22 17.78
CA LEU H 16 -4.29 -19.46 18.51
C LEU H 16 -4.28 -19.87 19.98
N VAL H 17 -5.47 -19.96 20.61
CA VAL H 17 -5.59 -20.34 22.03
C VAL H 17 -5.12 -21.79 22.21
N ASP H 18 -5.57 -22.72 21.34
CA ASP H 18 -5.22 -24.14 21.38
C ASP H 18 -3.71 -24.38 21.27
N VAL H 19 -3.05 -23.70 20.31
CA VAL H 19 -1.61 -23.76 20.06
C VAL H 19 -0.83 -23.31 21.30
N VAL H 20 -1.23 -22.17 21.91
CA VAL H 20 -0.56 -21.61 23.09
C VAL H 20 -0.76 -22.53 24.29
N ASN H 21 -1.97 -23.09 24.44
CA ASN H 21 -2.30 -24.00 25.52
C ASN H 21 -1.44 -25.26 25.44
N TYR H 22 -1.34 -25.85 24.23
CA TYR H 22 -0.58 -27.06 23.96
C TYR H 22 0.90 -26.89 24.31
N LEU H 23 1.54 -25.86 23.77
CA LEU H 23 2.96 -25.59 23.99
C LEU H 23 3.26 -25.16 25.42
N MET H 24 2.27 -24.60 26.13
CA MET H 24 2.44 -24.18 27.51
C MET H 24 2.59 -25.42 28.40
N LYS H 25 1.69 -26.42 28.17
CA LYS H 25 1.69 -27.69 28.89
C LYS H 25 3.00 -28.40 28.61
N LYS H 26 3.36 -28.60 27.31
CA LYS H 26 4.61 -29.27 26.86
C LYS H 26 5.90 -28.41 27.07
N ASN H 27 5.82 -27.33 27.88
CA ASN H 27 6.91 -26.41 28.26
C ASN H 27 7.81 -25.91 27.10
N GLN H 28 7.24 -25.82 25.87
CA GLN H 28 7.92 -25.35 24.65
C GLN H 28 7.64 -23.85 24.36
N LEU H 29 7.36 -23.06 25.42
CA LEU H 29 7.04 -21.62 25.37
C LEU H 29 8.11 -20.83 26.15
N VAL H 30 8.51 -19.68 25.61
CA VAL H 30 9.47 -18.72 26.22
C VAL H 30 8.76 -17.36 26.28
N PHE H 31 9.00 -16.55 27.33
CA PHE H 31 8.37 -15.24 27.48
C PHE H 31 9.32 -14.08 27.31
N SER H 32 8.78 -12.90 26.93
CA SER H 32 9.55 -11.65 26.82
C SER H 32 9.90 -11.20 28.24
N ARG H 33 10.83 -10.22 28.40
CA ARG H 33 11.27 -9.75 29.74
C ARG H 33 10.06 -9.21 30.53
N ASN H 34 9.21 -8.46 29.80
CA ASN H 34 7.96 -7.77 30.10
C ASN H 34 6.75 -8.74 30.34
N ASN H 35 6.90 -10.06 30.01
CA ASN H 35 5.89 -11.15 30.03
C ASN H 35 4.63 -10.81 29.17
N LYS H 36 4.74 -9.79 28.28
CA LYS H 36 3.65 -9.33 27.42
C LYS H 36 3.60 -10.12 26.09
N PHE H 37 4.68 -10.90 25.81
CA PHE H 37 4.84 -11.67 24.58
C PHE H 37 5.33 -13.09 24.79
N ILE H 38 4.91 -13.99 23.89
CA ILE H 38 5.27 -15.39 23.88
C ILE H 38 6.12 -15.67 22.62
N TYR H 39 7.31 -16.24 22.81
CA TYR H 39 8.19 -16.61 21.70
C TYR H 39 8.02 -18.09 21.42
N VAL H 40 7.71 -18.43 20.17
CA VAL H 40 7.50 -19.80 19.72
C VAL H 40 8.44 -20.04 18.53
N ASN H 41 8.98 -21.27 18.40
CA ASN H 41 9.85 -21.64 17.29
C ASN H 41 9.03 -21.62 15.99
N THR H 42 9.59 -21.01 14.94
CA THR H 42 8.92 -20.84 13.65
C THR H 42 8.45 -22.18 13.06
N GLU H 43 9.28 -23.23 13.16
CA GLU H 43 9.02 -24.57 12.62
C GLU H 43 7.93 -25.29 13.38
N THR H 44 7.97 -25.24 14.72
CA THR H 44 6.96 -25.88 15.57
C THR H 44 5.56 -25.33 15.27
N ILE H 45 5.43 -23.98 15.25
CA ILE H 45 4.14 -23.30 14.98
C ILE H 45 3.63 -23.64 13.58
N LYS H 46 4.51 -23.62 12.56
CA LYS H 46 4.17 -23.96 11.17
C LYS H 46 3.76 -25.41 11.00
N SER H 47 4.32 -26.31 11.84
CA SER H 47 3.97 -27.72 11.80
C SER H 47 2.58 -27.92 12.37
N MET H 48 2.29 -27.28 13.50
CA MET H 48 0.99 -27.34 14.19
C MET H 48 -0.15 -26.74 13.38
N LEU H 49 0.15 -25.70 12.60
CA LEU H 49 -0.83 -25.04 11.75
C LEU H 49 -1.17 -25.86 10.48
N GLU H 50 -0.38 -26.90 10.17
CA GLU H 50 -0.60 -27.78 9.02
C GLU H 50 -1.82 -28.70 9.20
N LYS H 51 -2.09 -29.13 10.46
CA LYS H 51 -3.15 -30.07 10.85
C LYS H 51 -4.57 -29.65 10.38
N ARG H 52 -5.15 -28.57 10.96
CA ARG H 52 -6.49 -28.09 10.62
C ARG H 52 -6.53 -27.45 9.21
N ASN H 53 -7.20 -28.12 8.28
CA ASN H 53 -7.23 -27.74 6.87
C ASN H 53 -8.29 -26.67 6.48
N TYR H 54 -8.75 -25.81 7.44
CA TYR H 54 -9.71 -24.73 7.11
C TYR H 54 -9.04 -23.60 6.28
N ASP H 55 -7.70 -23.46 6.40
CA ASP H 55 -6.86 -22.52 5.66
C ASP H 55 -5.41 -23.05 5.67
N THR H 56 -4.55 -22.48 4.80
CA THR H 56 -3.13 -22.78 4.69
C THR H 56 -2.37 -22.19 5.87
N VAL H 57 -1.14 -22.67 6.14
CA VAL H 57 -0.33 -22.13 7.23
C VAL H 57 -0.08 -20.64 7.03
N ASP H 58 0.31 -20.24 5.81
CA ASP H 58 0.54 -18.85 5.47
C ASP H 58 -0.75 -17.99 5.51
N GLY H 59 -1.90 -18.59 5.21
CA GLY H 59 -3.20 -17.92 5.28
C GLY H 59 -3.58 -17.58 6.70
N LYS H 60 -3.31 -18.52 7.64
CA LYS H 60 -3.57 -18.37 9.07
C LYS H 60 -2.65 -17.30 9.67
N LEU H 61 -1.35 -17.33 9.33
CA LEU H 61 -0.36 -16.37 9.83
C LEU H 61 -0.58 -14.96 9.28
N TYR H 62 -1.15 -14.82 8.06
CA TYR H 62 -1.44 -13.50 7.47
C TYR H 62 -2.56 -12.83 8.29
N LEU H 63 -3.62 -13.59 8.61
CA LEU H 63 -4.76 -13.10 9.41
C LEU H 63 -4.33 -12.75 10.83
N TRP H 64 -3.49 -13.58 11.45
CA TRP H 64 -2.96 -13.35 12.79
C TRP H 64 -2.15 -12.07 12.83
N ARG H 65 -1.31 -11.84 11.80
CA ARG H 65 -0.48 -10.66 11.68
C ARG H 65 -1.32 -9.39 11.51
N GLU H 66 -2.28 -9.43 10.57
CA GLU H 66 -3.16 -8.32 10.22
C GLU H 66 -4.03 -7.89 11.38
N LEU H 67 -4.53 -8.86 12.17
CA LEU H 67 -5.35 -8.60 13.36
C LEU H 67 -4.47 -8.30 14.58
N GLU H 68 -3.16 -8.25 14.37
CA GLU H 68 -2.11 -7.93 15.34
C GLU H 68 -2.10 -8.85 16.55
N TRP H 69 -2.35 -10.15 16.34
CA TRP H 69 -2.29 -11.17 17.40
C TRP H 69 -0.86 -11.63 17.53
N ILE H 70 -0.01 -11.43 16.47
CA ILE H 70 1.43 -11.78 16.41
C ILE H 70 2.28 -10.60 15.94
N GLU H 71 3.56 -10.55 16.34
CA GLU H 71 4.51 -9.49 15.90
C GLU H 71 5.50 -9.99 14.83
N CYS H 72 5.54 -9.30 13.70
CA CYS H 72 6.35 -9.72 12.56
C CYS H 72 7.30 -8.63 12.05
N ALA H 73 8.38 -9.06 11.34
CA ALA H 73 9.33 -8.20 10.65
C ALA H 73 8.60 -7.67 9.38
N GLU H 74 9.28 -6.82 8.56
CA GLU H 74 8.71 -6.22 7.33
C GLU H 74 7.99 -7.20 6.38
N ASP H 75 8.66 -8.27 5.94
CA ASP H 75 8.06 -9.21 4.99
C ASP H 75 7.95 -10.63 5.52
N ARG H 76 8.56 -10.86 6.72
CA ARG H 76 8.58 -12.14 7.43
C ARG H 76 7.32 -12.30 8.32
N PHE H 77 7.03 -13.57 8.69
CA PHE H 77 5.96 -13.98 9.60
C PHE H 77 6.57 -14.22 10.99
N ASN H 78 7.84 -13.85 11.15
CA ASN H 78 8.59 -13.95 12.39
C ASN H 78 9.52 -12.74 12.59
N LYS H 79 10.08 -12.57 13.79
CA LYS H 79 10.96 -11.45 14.10
C LYS H 79 12.16 -11.87 14.92
N ARG H 80 13.15 -10.98 14.99
CA ARG H 80 14.40 -11.18 15.69
C ARG H 80 14.21 -11.02 17.18
N ILE H 81 14.66 -12.02 17.94
CA ILE H 81 14.61 -12.01 19.41
C ILE H 81 16.02 -12.24 20.02
N LYS H 82 16.17 -12.03 21.36
CA LYS H 82 17.43 -12.28 22.08
C LYS H 82 17.14 -13.01 23.40
N ILE H 83 17.67 -14.24 23.55
CA ILE H 83 17.53 -15.06 24.76
C ILE H 83 18.93 -15.47 25.21
N ASP H 84 19.29 -15.12 26.47
CA ASP H 84 20.60 -15.37 27.10
C ASP H 84 21.75 -14.87 26.22
N GLY H 85 21.62 -13.63 25.73
CA GLY H 85 22.62 -12.97 24.88
C GLY H 85 22.79 -13.51 23.47
N GLU H 86 21.96 -14.49 23.06
CA GLU H 86 21.99 -15.11 21.73
C GLU H 86 20.81 -14.67 20.86
N ASN H 87 21.08 -14.24 19.61
CA ASN H 87 20.03 -13.83 18.66
C ASN H 87 19.47 -15.04 17.92
N MET H 88 18.19 -14.97 17.58
CA MET H 88 17.47 -16.00 16.83
C MET H 88 16.15 -15.42 16.31
N TYR H 89 15.43 -16.20 15.47
CA TYR H 89 14.13 -15.82 14.94
C TYR H 89 13.04 -16.67 15.59
N ALA H 90 11.93 -16.02 15.95
CA ALA H 90 10.79 -16.70 16.54
C ALA H 90 9.52 -16.03 16.11
N VAL H 91 8.39 -16.71 16.29
CA VAL H 91 7.06 -16.18 16.04
C VAL H 91 6.63 -15.59 17.40
N VAL H 92 6.35 -14.29 17.46
CA VAL H 92 5.97 -13.60 18.71
C VAL H 92 4.43 -13.43 18.84
N ILE H 93 3.82 -14.12 19.82
CA ILE H 93 2.37 -14.02 20.10
C ILE H 93 2.16 -13.00 21.23
N LYS H 94 1.24 -12.04 21.02
CA LYS H 94 0.88 -11.02 22.01
C LYS H 94 0.04 -11.68 23.11
N TYR H 95 0.53 -11.68 24.39
CA TYR H 95 -0.16 -12.35 25.50
C TYR H 95 -1.59 -11.82 25.70
N SER H 96 -1.78 -10.48 25.57
CA SER H 96 -3.07 -9.81 25.69
C SER H 96 -4.10 -10.40 24.72
N SER H 97 -3.69 -10.65 23.48
CA SER H 97 -4.55 -11.25 22.45
C SER H 97 -4.97 -12.67 22.88
N TYR H 98 -4.00 -13.48 23.34
CA TYR H 98 -4.23 -14.84 23.81
C TYR H 98 -5.26 -14.89 24.97
N SER H 99 -5.07 -14.06 26.03
CA SER H 99 -5.93 -13.98 27.23
C SER H 99 -7.32 -13.56 26.86
N ILE H 100 -7.46 -12.43 26.11
CA ILE H 100 -8.73 -11.86 25.62
C ILE H 100 -9.55 -12.95 24.90
N LEU H 101 -8.90 -13.67 23.95
CA LEU H 101 -9.51 -14.75 23.18
C LEU H 101 -9.85 -15.96 24.01
N LYS H 102 -8.93 -16.43 24.90
CA LYS H 102 -9.18 -17.56 25.81
C LYS H 102 -10.40 -17.25 26.70
N ARG H 103 -10.46 -16.02 27.28
CA ARG H 103 -11.57 -15.60 28.16
C ARG H 103 -12.91 -15.53 27.35
N LEU H 104 -12.88 -15.22 26.04
CA LEU H 104 -14.07 -15.18 25.16
C LEU H 104 -14.68 -16.57 25.02
N TYR H 105 -13.85 -17.63 24.98
CA TYR H 105 -14.32 -19.02 24.82
C TYR H 105 -14.48 -19.78 26.17
N LEU H 106 -14.05 -19.17 27.30
CA LEU H 106 -14.16 -19.77 28.63
C LEU H 106 -15.57 -19.58 29.23
#